data_6R5Z
#
_entry.id   6R5Z
#
_cell.length_a   53.549
_cell.length_b   92.353
_cell.length_c   61.432
_cell.angle_alpha   90.00
_cell.angle_beta   94.95
_cell.angle_gamma   90.00
#
_symmetry.space_group_name_H-M   'P 1 21 1'
#
loop_
_entity.id
_entity.type
_entity.pdbx_description
1 polymer '9-bladed beta-propeller formed by three 3-bladed fragments'
2 water water
#
_entity_poly.entity_id   1
_entity_poly.type   'polypeptide(L)'
_entity_poly.pdbx_seq_one_letter_code
;GAMGSSSVWGVAFSPDGQTIASASDDKTVKLWNRNGQLLQTLTGHSSSVWGVAFSPDGQTIASASDDKTVKLWNRNGQLL
QTLTGHSSSVWGVAFSPDGQTIASASDDKTVKLWNRNGQLLQTLTGH
;
_entity_poly.pdbx_strand_id   A,B,C,D,E,F
#
# COMPACT_ATOMS: atom_id res chain seq x y z
N TRP A 9 -21.17 2.63 22.67
CA TRP A 9 -21.61 3.49 21.54
C TRP A 9 -22.75 4.44 21.90
N GLY A 10 -23.87 3.88 22.32
CA GLY A 10 -25.08 4.69 22.54
C GLY A 10 -25.80 5.15 21.28
N VAL A 11 -25.47 4.58 20.13
CA VAL A 11 -26.13 4.96 18.87
C VAL A 11 -26.37 3.68 18.08
N ALA A 12 -27.48 3.64 17.37
CA ALA A 12 -27.75 2.51 16.46
C ALA A 12 -28.47 3.03 15.26
N PHE A 13 -28.06 2.51 14.10
CA PHE A 13 -28.78 2.78 12.85
C PHE A 13 -29.85 1.71 12.59
N SER A 14 -31.02 2.12 12.12
CA SER A 14 -32.00 1.12 11.65
C SER A 14 -31.37 0.37 10.47
N PRO A 15 -31.75 -0.88 10.22
CA PRO A 15 -31.20 -1.60 9.11
C PRO A 15 -31.30 -0.94 7.76
N ASP A 16 -32.33 -0.16 7.53
CA ASP A 16 -32.45 0.56 6.26
C ASP A 16 -31.73 1.93 6.23
N GLY A 17 -31.19 2.35 7.37
CA GLY A 17 -30.41 3.57 7.45
C GLY A 17 -31.24 4.83 7.58
N GLN A 18 -32.57 4.70 7.63
CA GLN A 18 -33.44 5.87 7.62
C GLN A 18 -33.76 6.43 8.99
N THR A 19 -33.59 5.63 10.05
CA THR A 19 -33.77 6.06 11.44
C THR A 19 -32.51 5.79 12.24
N ILE A 20 -32.15 6.72 13.12
CA ILE A 20 -31.00 6.59 13.96
C ILE A 20 -31.51 6.76 15.40
N ALA A 21 -31.12 5.87 16.32
CA ALA A 21 -31.52 5.96 17.71
C ALA A 21 -30.29 6.33 18.51
N SER A 22 -30.45 7.21 19.50
CA SER A 22 -29.31 7.59 20.32
C SER A 22 -29.76 7.67 21.79
N ALA A 23 -28.89 7.26 22.67
CA ALA A 23 -29.07 7.51 24.09
C ALA A 23 -28.78 8.95 24.35
N SER A 24 -29.69 9.65 25.00
CA SER A 24 -29.47 11.05 25.36
C SER A 24 -28.94 11.18 26.79
N ASP A 25 -28.57 12.38 27.20
CA ASP A 25 -28.03 12.63 28.54
C ASP A 25 -29.15 12.93 29.59
N ASP A 26 -30.41 12.74 29.19
CA ASP A 26 -31.57 13.15 30.00
C ASP A 26 -32.57 12.01 30.24
N LYS A 27 -32.10 10.78 30.25
CA LYS A 27 -32.93 9.60 30.53
C LYS A 27 -33.87 9.22 29.38
N THR A 28 -33.61 9.74 28.20
CA THR A 28 -34.44 9.42 27.04
C THR A 28 -33.60 8.80 25.94
N VAL A 29 -34.30 8.20 24.99
CA VAL A 29 -33.74 7.80 23.69
C VAL A 29 -34.37 8.73 22.67
N LYS A 30 -33.55 9.24 21.75
CA LYS A 30 -34.04 10.07 20.70
C LYS A 30 -33.96 9.28 19.38
N LEU A 31 -35.00 9.40 18.57
CA LEU A 31 -34.97 8.87 17.20
C LEU A 31 -34.82 10.03 16.22
N TRP A 32 -33.96 9.86 15.24
CA TRP A 32 -33.67 10.88 14.27
C TRP A 32 -33.83 10.35 12.84
N ASN A 33 -34.10 11.21 11.89
CA ASN A 33 -34.06 10.77 10.49
C ASN A 33 -32.61 10.86 9.95
N ARG A 34 -32.42 10.42 8.72
CA ARG A 34 -31.11 10.46 8.03
C ARG A 34 -30.53 11.88 7.84
N ASN A 35 -31.35 12.91 7.87
CA ASN A 35 -30.88 14.26 7.80
C ASN A 35 -30.54 14.87 9.15
N GLY A 36 -30.61 14.08 10.19
CA GLY A 36 -30.40 14.58 11.57
C GLY A 36 -31.55 15.30 12.25
N GLN A 37 -32.75 15.19 11.70
CA GLN A 37 -33.90 15.85 12.27
C GLN A 37 -34.55 14.93 13.28
N LEU A 38 -34.95 15.52 14.40
CA LEU A 38 -35.48 14.73 15.48
C LEU A 38 -36.87 14.24 15.07
N LEU A 39 -37.12 12.96 15.30
CA LEU A 39 -38.43 12.38 15.04
C LEU A 39 -39.22 12.03 16.31
N GLN A 40 -38.56 11.52 17.35
CA GLN A 40 -39.24 11.08 18.56
C GLN A 40 -38.32 11.17 19.74
N THR A 41 -38.91 11.41 20.91
CA THR A 41 -38.23 11.28 22.17
C THR A 41 -38.95 10.18 22.97
N LEU A 42 -38.21 9.19 23.41
CA LEU A 42 -38.75 7.98 24.04
C LEU A 42 -38.51 8.16 25.52
N THR A 43 -39.59 8.44 26.23
CA THR A 43 -39.54 8.81 27.65
C THR A 43 -40.13 7.70 28.49
N GLY A 44 -39.43 7.32 29.55
CA GLY A 44 -39.88 6.27 30.44
C GLY A 44 -38.85 5.71 31.38
N HIS A 45 -37.59 5.70 30.99
CA HIS A 45 -36.55 5.19 31.87
C HIS A 45 -36.36 6.16 33.06
N SER A 46 -36.02 5.64 34.20
CA SER A 46 -35.91 6.49 35.36
C SER A 46 -34.47 6.86 35.73
N SER A 47 -33.48 6.40 34.97
CA SER A 47 -32.14 7.02 34.99
C SER A 47 -31.48 6.84 33.62
N SER A 48 -30.18 7.14 33.54
CA SER A 48 -29.44 7.22 32.29
C SER A 48 -29.70 6.04 31.38
N VAL A 49 -29.76 6.36 30.10
CA VAL A 49 -29.81 5.34 29.09
C VAL A 49 -28.42 5.15 28.53
N TRP A 50 -27.96 3.91 28.52
CA TRP A 50 -26.65 3.56 28.08
C TRP A 50 -26.57 2.99 26.66
N GLY A 51 -27.48 2.11 26.33
CA GLY A 51 -27.36 1.26 25.12
C GLY A 51 -28.64 1.29 24.35
N VAL A 52 -28.54 1.20 23.02
CA VAL A 52 -29.72 1.13 22.17
C VAL A 52 -29.48 0.13 21.06
N ALA A 53 -30.56 -0.38 20.48
CA ALA A 53 -30.47 -1.32 19.39
C ALA A 53 -31.78 -1.30 18.59
N PHE A 54 -31.69 -1.65 17.30
CA PHE A 54 -32.90 -1.90 16.51
C PHE A 54 -33.11 -3.35 16.20
N SER A 55 -34.37 -3.77 16.09
CA SER A 55 -34.68 -5.06 15.61
C SER A 55 -34.28 -5.15 14.15
N PRO A 56 -34.02 -6.36 13.65
CA PRO A 56 -33.61 -6.49 12.25
C PRO A 56 -34.69 -6.06 11.22
N ASP A 57 -35.95 -6.04 11.62
CA ASP A 57 -36.96 -5.52 10.74
C ASP A 57 -37.15 -4.00 10.84
N GLY A 58 -36.42 -3.40 11.75
CA GLY A 58 -36.36 -1.99 11.92
C GLY A 58 -37.56 -1.39 12.64
N GLN A 59 -38.47 -2.20 13.14
CA GLN A 59 -39.75 -1.68 13.68
C GLN A 59 -39.80 -1.56 15.20
N THR A 60 -38.79 -2.13 15.88
CA THR A 60 -38.71 -2.04 17.32
C THR A 60 -37.32 -1.53 17.72
N ILE A 61 -37.31 -0.68 18.77
CA ILE A 61 -36.10 -0.17 19.35
C ILE A 61 -36.01 -0.70 20.77
N ALA A 62 -34.78 -1.08 21.18
CA ALA A 62 -34.53 -1.48 22.55
C ALA A 62 -33.59 -0.46 23.19
N SER A 63 -33.79 -0.23 24.47
CA SER A 63 -32.93 0.67 25.26
C SER A 63 -32.55 -0.02 26.53
N ALA A 64 -31.33 0.24 27.00
CA ALA A 64 -30.77 -0.39 28.17
C ALA A 64 -30.38 0.74 29.11
N SER A 65 -30.76 0.63 30.38
CA SER A 65 -30.62 1.76 31.31
C SER A 65 -30.03 1.41 32.64
N ASP A 66 -29.44 2.44 33.24
CA ASP A 66 -29.01 2.40 34.62
C ASP A 66 -30.16 2.05 35.56
N ASP A 67 -31.40 2.26 35.15
CA ASP A 67 -32.54 1.88 36.03
C ASP A 67 -32.77 0.33 36.11
N LYS A 68 -31.87 -0.45 35.51
CA LYS A 68 -31.83 -1.92 35.61
C LYS A 68 -32.82 -2.58 34.66
N THR A 69 -33.37 -1.81 33.75
CA THR A 69 -34.35 -2.36 32.77
C THR A 69 -33.93 -2.17 31.33
N VAL A 70 -34.53 -2.97 30.46
CA VAL A 70 -34.54 -2.77 29.02
C VAL A 70 -35.97 -2.43 28.65
N LYS A 71 -36.14 -1.39 27.84
CA LYS A 71 -37.45 -1.04 27.32
C LYS A 71 -37.48 -1.21 25.81
N LEU A 72 -38.62 -1.65 25.33
CA LEU A 72 -38.87 -1.89 23.94
C LEU A 72 -39.89 -0.87 23.47
N TRP A 73 -39.66 -0.26 22.31
CA TRP A 73 -40.44 0.84 21.81
C TRP A 73 -40.70 0.72 20.30
N ASN A 74 -41.74 1.36 19.81
CA ASN A 74 -41.94 1.43 18.37
C ASN A 74 -41.54 2.80 17.88
N ARG A 75 -41.62 2.98 16.56
CA ARG A 75 -41.13 4.22 15.93
C ARG A 75 -42.05 5.44 16.16
N ASN A 76 -43.26 5.21 16.67
CA ASN A 76 -44.16 6.26 17.07
C ASN A 76 -43.91 6.65 18.52
N GLY A 77 -42.93 6.01 19.16
CA GLY A 77 -42.56 6.38 20.53
C GLY A 77 -43.34 5.66 21.60
N GLN A 78 -44.17 4.70 21.20
CA GLN A 78 -44.96 3.98 22.21
C GLN A 78 -44.09 2.95 22.92
N LEU A 79 -44.19 2.92 24.24
CA LEU A 79 -43.48 1.90 25.03
C LEU A 79 -44.25 0.55 24.92
N LEU A 80 -43.59 -0.50 24.44
CA LEU A 80 -44.22 -1.78 24.19
C LEU A 80 -43.99 -2.77 25.34
N GLN A 81 -42.79 -2.78 25.91
CA GLN A 81 -42.49 -3.72 26.98
C GLN A 81 -41.40 -3.16 27.85
N THR A 82 -41.38 -3.58 29.09
CA THR A 82 -40.24 -3.33 29.98
C THR A 82 -39.76 -4.70 30.44
N LEU A 83 -38.47 -4.96 30.24
CA LEU A 83 -37.86 -6.22 30.67
C LEU A 83 -37.14 -5.99 32.01
N THR A 84 -37.69 -6.61 33.06
CA THR A 84 -37.23 -6.45 34.43
C THR A 84 -36.61 -7.76 34.92
N GLY A 85 -35.53 -7.66 35.65
CA GLY A 85 -34.89 -8.83 36.21
C GLY A 85 -33.42 -8.63 36.52
N HIS A 86 -32.73 -7.80 35.74
CA HIS A 86 -31.32 -7.51 36.04
C HIS A 86 -31.23 -6.83 37.42
N SER A 87 -30.20 -7.16 38.18
CA SER A 87 -30.08 -6.54 39.50
C SER A 87 -29.04 -5.43 39.52
N SER A 88 -28.49 -5.10 38.38
CA SER A 88 -27.66 -3.92 38.22
C SER A 88 -27.91 -3.22 36.88
N SER A 89 -27.24 -2.08 36.71
CA SER A 89 -27.33 -1.27 35.51
C SER A 89 -27.16 -2.13 34.20
N VAL A 90 -28.06 -1.94 33.24
CA VAL A 90 -27.96 -2.62 31.96
C VAL A 90 -27.23 -1.70 30.97
N TRP A 91 -26.10 -2.14 30.44
CA TRP A 91 -25.38 -1.32 29.49
C TRP A 91 -25.56 -1.69 28.05
N GLY A 92 -25.89 -2.95 27.79
CA GLY A 92 -25.96 -3.45 26.40
C GLY A 92 -27.25 -4.18 26.11
N VAL A 93 -27.72 -4.03 24.88
CA VAL A 93 -28.84 -4.76 24.43
C VAL A 93 -28.66 -5.06 22.93
N ALA A 94 -29.07 -6.26 22.53
CA ALA A 94 -28.96 -6.63 21.10
C ALA A 94 -30.04 -7.58 20.72
N PHE A 95 -30.53 -7.46 19.50
CA PHE A 95 -31.49 -8.45 18.97
C PHE A 95 -30.71 -9.50 18.22
N SER A 96 -31.22 -10.73 18.21
CA SER A 96 -30.67 -11.80 17.37
C SER A 96 -30.95 -11.47 15.88
N PRO A 97 -30.20 -12.07 14.97
CA PRO A 97 -30.24 -11.66 13.54
C PRO A 97 -31.59 -11.98 12.97
N ASP A 98 -32.29 -12.96 13.55
CA ASP A 98 -33.63 -13.34 13.04
C ASP A 98 -34.71 -12.59 13.78
N GLY A 99 -34.34 -11.80 14.77
CA GLY A 99 -35.27 -10.99 15.52
C GLY A 99 -36.08 -11.74 16.61
N GLN A 100 -35.82 -13.02 16.84
CA GLN A 100 -36.69 -13.79 17.76
C GLN A 100 -36.21 -13.73 19.25
N THR A 101 -34.99 -13.25 19.47
CA THR A 101 -34.49 -13.14 20.85
C THR A 101 -33.77 -11.88 21.07
N ILE A 102 -33.71 -11.48 22.33
CA ILE A 102 -33.03 -10.27 22.75
C ILE A 102 -32.04 -10.67 23.87
N ALA A 103 -30.81 -10.18 23.77
CA ALA A 103 -29.82 -10.35 24.82
C ALA A 103 -29.61 -9.03 25.50
N SER A 104 -29.48 -9.08 26.81
CA SER A 104 -29.18 -7.91 27.56
C SER A 104 -28.03 -8.20 28.52
N ALA A 105 -27.24 -7.17 28.78
CA ALA A 105 -26.01 -7.31 29.53
C ALA A 105 -25.89 -6.24 30.57
N SER A 106 -25.71 -6.65 31.82
CA SER A 106 -25.59 -5.68 32.88
C SER A 106 -24.17 -5.63 33.44
N ASP A 107 -23.89 -4.58 34.17
CA ASP A 107 -22.49 -4.31 34.53
C ASP A 107 -22.01 -5.20 35.70
N ASP A 108 -22.90 -6.04 36.23
CA ASP A 108 -22.51 -7.14 37.15
C ASP A 108 -22.17 -8.46 36.43
N LYS A 109 -21.90 -8.36 35.13
CA LYS A 109 -21.57 -9.47 34.28
C LYS A 109 -22.70 -10.51 34.13
N THR A 110 -23.93 -10.08 34.15
CA THR A 110 -25.04 -10.95 33.90
C THR A 110 -25.53 -10.70 32.49
N VAL A 111 -25.85 -11.77 31.78
CA VAL A 111 -26.45 -11.68 30.45
C VAL A 111 -27.75 -12.50 30.48
N LYS A 112 -28.82 -11.86 30.07
CA LYS A 112 -30.12 -12.50 30.00
C LYS A 112 -30.56 -12.59 28.55
N LEU A 113 -31.32 -13.64 28.28
CA LEU A 113 -31.91 -13.88 26.98
C LEU A 113 -33.42 -13.86 27.16
N TRP A 114 -34.10 -13.11 26.30
CA TRP A 114 -35.53 -12.96 26.32
C TRP A 114 -36.12 -13.24 24.95
N ASN A 115 -37.37 -13.69 24.92
CA ASN A 115 -38.05 -13.76 23.65
C ASN A 115 -38.75 -12.42 23.36
N ARG A 116 -39.41 -12.36 22.22
CA ARG A 116 -39.99 -11.13 21.80
C ARG A 116 -41.30 -10.81 22.52
N ASN A 117 -41.86 -11.77 23.22
CA ASN A 117 -43.05 -11.54 24.06
C ASN A 117 -42.64 -11.16 25.47
N GLY A 118 -41.36 -10.98 25.72
CA GLY A 118 -40.84 -10.51 27.04
C GLY A 118 -40.59 -11.64 28.02
N GLN A 119 -40.65 -12.91 27.57
CA GLN A 119 -40.40 -14.05 28.47
C GLN A 119 -38.91 -14.22 28.68
N LEU A 120 -38.47 -14.24 29.94
CA LEU A 120 -37.06 -14.51 30.20
C LEU A 120 -36.80 -15.97 29.87
N LEU A 121 -35.85 -16.23 29.00
CA LEU A 121 -35.57 -17.58 28.52
C LEU A 121 -34.45 -18.20 29.33
N GLN A 122 -33.45 -17.39 29.63
CA GLN A 122 -32.31 -17.93 30.32
C GLN A 122 -31.41 -16.82 30.83
N THR A 123 -30.69 -17.12 31.90
CA THR A 123 -29.66 -16.24 32.38
C THR A 123 -28.39 -16.98 31.97
N LEU A 124 -27.71 -16.43 30.96
CA LEU A 124 -26.62 -17.14 30.25
C LEU A 124 -25.43 -17.15 31.15
N THR A 125 -25.31 -16.11 31.95
CA THR A 125 -24.26 -16.08 32.95
C THR A 125 -24.63 -15.07 33.98
N GLY A 126 -24.07 -15.23 35.18
CA GLY A 126 -24.36 -14.36 36.32
C GLY A 126 -25.66 -14.73 37.04
N HIS A 127 -26.35 -13.70 37.56
CA HIS A 127 -27.62 -13.86 38.33
C HIS A 127 -28.76 -12.88 37.88
N TRP B 9 -18.63 -7.73 25.30
CA TRP B 9 -19.94 -8.48 25.30
C TRP B 9 -19.86 -9.90 25.87
N GLY B 10 -19.00 -10.74 25.30
CA GLY B 10 -18.92 -12.11 25.73
C GLY B 10 -20.09 -12.96 25.23
N VAL B 11 -20.89 -12.44 24.32
CA VAL B 11 -22.01 -13.18 23.73
C VAL B 11 -21.95 -12.98 22.25
N ALA B 12 -22.35 -13.99 21.49
CA ALA B 12 -22.46 -13.81 20.06
C ALA B 12 -23.65 -14.65 19.63
N PHE B 13 -24.39 -14.11 18.70
CA PHE B 13 -25.41 -14.90 18.00
C PHE B 13 -24.82 -15.54 16.75
N SER B 14 -25.27 -16.73 16.41
CA SER B 14 -25.01 -17.28 15.06
C SER B 14 -25.72 -16.43 14.01
N PRO B 15 -25.19 -16.35 12.77
CA PRO B 15 -25.83 -15.58 11.75
C PRO B 15 -27.30 -15.93 11.50
N ASP B 16 -27.70 -17.17 11.78
CA ASP B 16 -29.14 -17.52 11.60
C ASP B 16 -29.98 -17.34 12.86
N GLY B 17 -29.36 -16.95 13.95
CA GLY B 17 -30.05 -16.62 15.18
C GLY B 17 -30.48 -17.84 15.99
N GLN B 18 -30.13 -19.03 15.54
CA GLN B 18 -30.57 -20.21 16.23
C GLN B 18 -29.63 -20.72 17.34
N THR B 19 -28.36 -20.29 17.32
CA THR B 19 -27.40 -20.65 18.35
C THR B 19 -26.83 -19.37 18.94
N ILE B 20 -26.63 -19.39 20.23
CA ILE B 20 -26.04 -18.30 20.94
C ILE B 20 -24.81 -18.86 21.65
N ALA B 21 -23.70 -18.13 21.59
CA ALA B 21 -22.47 -18.53 22.27
C ALA B 21 -22.18 -17.52 23.37
N SER B 22 -21.78 -18.00 24.52
CA SER B 22 -21.47 -17.09 25.64
C SER B 22 -20.20 -17.53 26.31
N ALA B 23 -19.40 -16.55 26.70
CA ALA B 23 -18.28 -16.78 27.56
C ALA B 23 -18.82 -16.98 28.97
N SER B 24 -18.46 -18.09 29.59
CA SER B 24 -18.96 -18.42 30.93
C SER B 24 -17.93 -17.96 31.95
N ASP B 25 -18.29 -18.04 33.23
CA ASP B 25 -17.41 -17.63 34.32
C ASP B 25 -16.44 -18.76 34.78
N ASP B 26 -16.40 -19.86 34.02
CA ASP B 26 -15.70 -21.07 34.44
C ASP B 26 -14.75 -21.61 33.36
N LYS B 27 -14.19 -20.73 32.54
CA LYS B 27 -13.19 -21.11 31.49
C LYS B 27 -13.78 -21.82 30.27
N THR B 28 -15.08 -21.73 30.11
CA THR B 28 -15.74 -22.42 28.99
C THR B 28 -16.51 -21.42 28.15
N VAL B 29 -16.92 -21.87 26.97
CA VAL B 29 -17.92 -21.20 26.17
C VAL B 29 -19.12 -22.15 26.16
N LYS B 30 -20.29 -21.58 26.34
CA LYS B 30 -21.50 -22.33 26.29
C LYS B 30 -22.23 -21.99 25.01
N LEU B 31 -22.77 -23.00 24.38
CA LEU B 31 -23.69 -22.81 23.24
C LEU B 31 -25.12 -23.13 23.66
N TRP B 32 -26.03 -22.24 23.32
CA TRP B 32 -27.45 -22.34 23.68
C TRP B 32 -28.31 -22.28 22.45
N ASN B 33 -29.52 -22.88 22.50
CA ASN B 33 -30.48 -22.67 21.40
C ASN B 33 -31.33 -21.39 21.65
N ARG B 34 -32.20 -21.03 20.69
CA ARG B 34 -33.04 -19.82 20.74
C ARG B 34 -34.01 -19.84 21.92
N ASN B 35 -34.32 -20.99 22.50
CA ASN B 35 -35.17 -21.06 23.68
C ASN B 35 -34.42 -21.01 25.00
N GLY B 36 -33.12 -20.78 24.93
CA GLY B 36 -32.26 -20.72 26.10
C GLY B 36 -31.87 -22.06 26.69
N GLN B 37 -32.04 -23.13 25.92
CA GLN B 37 -31.60 -24.46 26.37
C GLN B 37 -30.16 -24.68 25.99
N LEU B 38 -29.41 -25.23 26.93
CA LEU B 38 -28.00 -25.43 26.73
C LEU B 38 -27.81 -26.55 25.72
N LEU B 39 -26.94 -26.33 24.73
CA LEU B 39 -26.59 -27.35 23.74
C LEU B 39 -25.22 -27.98 23.94
N GLN B 40 -24.23 -27.18 24.28
CA GLN B 40 -22.83 -27.68 24.36
C GLN B 40 -22.06 -26.77 25.29
N THR B 41 -21.07 -27.37 25.91
CA THR B 41 -20.07 -26.63 26.69
C THR B 41 -18.69 -26.90 26.05
N LEU B 42 -17.96 -25.84 25.69
CA LEU B 42 -16.70 -25.94 24.97
C LEU B 42 -15.61 -25.79 26.00
N THR B 43 -14.93 -26.91 26.26
CA THR B 43 -13.94 -27.00 27.31
C THR B 43 -12.54 -27.18 26.73
N GLY B 44 -11.59 -26.42 27.25
CA GLY B 44 -10.22 -26.48 26.77
C GLY B 44 -9.35 -25.30 27.16
N HIS B 45 -9.92 -24.11 27.29
CA HIS B 45 -9.13 -22.98 27.74
C HIS B 45 -8.66 -23.17 29.16
N SER B 46 -7.48 -22.66 29.48
CA SER B 46 -6.98 -22.82 30.83
C SER B 46 -7.15 -21.59 31.73
N SER B 47 -7.74 -20.52 31.21
CA SER B 47 -8.25 -19.48 32.04
C SER B 47 -9.45 -18.79 31.41
N SER B 48 -9.91 -17.67 31.99
CA SER B 48 -11.16 -17.02 31.62
C SER B 48 -11.30 -16.83 30.12
N VAL B 49 -12.51 -17.03 29.62
CA VAL B 49 -12.81 -16.69 28.28
C VAL B 49 -13.47 -15.32 28.24
N TRP B 50 -12.98 -14.45 27.37
CA TRP B 50 -13.42 -13.06 27.28
C TRP B 50 -14.29 -12.74 26.11
N GLY B 51 -13.96 -13.31 24.96
CA GLY B 51 -14.59 -12.94 23.71
C GLY B 51 -15.01 -14.18 22.94
N VAL B 52 -16.09 -14.08 22.18
CA VAL B 52 -16.55 -15.13 21.32
C VAL B 52 -17.04 -14.57 19.99
N ALA B 53 -17.03 -15.41 18.92
CA ALA B 53 -17.50 -14.99 17.64
C ALA B 53 -17.89 -16.22 16.82
N PHE B 54 -18.86 -16.06 15.96
CA PHE B 54 -19.13 -17.08 14.97
C PHE B 54 -18.57 -16.76 13.62
N SER B 55 -18.23 -17.79 12.84
CA SER B 55 -17.96 -17.63 11.46
C SER B 55 -19.25 -17.28 10.69
N PRO B 56 -19.11 -16.66 9.51
CA PRO B 56 -20.31 -16.22 8.79
C PRO B 56 -21.20 -17.36 8.37
N ASP B 57 -20.64 -18.54 8.21
CA ASP B 57 -21.50 -19.71 7.86
C ASP B 57 -22.15 -20.35 9.10
N GLY B 58 -21.74 -19.90 10.26
CA GLY B 58 -22.31 -20.27 11.55
C GLY B 58 -21.74 -21.57 12.11
N GLN B 59 -20.77 -22.19 11.42
CA GLN B 59 -20.36 -23.58 11.77
C GLN B 59 -19.10 -23.63 12.63
N THR B 60 -18.41 -22.51 12.77
CA THR B 60 -17.23 -22.42 13.60
C THR B 60 -17.41 -21.32 14.60
N ILE B 61 -16.94 -21.59 15.81
CA ILE B 61 -16.95 -20.64 16.89
C ILE B 61 -15.51 -20.33 17.26
N ALA B 62 -15.19 -19.07 17.50
CA ALA B 62 -13.89 -18.66 17.99
C ALA B 62 -14.04 -18.10 19.40
N SER B 63 -13.07 -18.39 20.25
CA SER B 63 -13.07 -17.94 21.61
C SER B 63 -11.71 -17.32 21.91
N ALA B 64 -11.73 -16.24 22.69
CA ALA B 64 -10.53 -15.46 23.00
C ALA B 64 -10.41 -15.51 24.52
N SER B 65 -9.22 -15.88 24.99
CA SER B 65 -9.04 -16.20 26.41
C SER B 65 -7.86 -15.48 27.09
N ASP B 66 -8.02 -15.27 28.38
CA ASP B 66 -6.93 -14.85 29.25
C ASP B 66 -5.73 -15.81 29.19
N ASP B 67 -5.91 -17.04 28.71
CA ASP B 67 -4.79 -17.95 28.54
C ASP B 67 -3.89 -17.61 27.33
N LYS B 68 -4.17 -16.50 26.65
CA LYS B 68 -3.33 -15.91 25.57
C LYS B 68 -3.55 -16.63 24.23
N THR B 69 -4.59 -17.44 24.18
CA THR B 69 -4.95 -18.14 22.91
C THR B 69 -6.32 -17.79 22.41
N VAL B 70 -6.52 -18.07 21.14
CA VAL B 70 -7.82 -18.14 20.53
C VAL B 70 -8.03 -19.62 20.16
N LYS B 71 -9.23 -20.14 20.45
CA LYS B 71 -9.57 -21.51 20.03
C LYS B 71 -10.74 -21.47 19.05
N LEU B 72 -10.69 -22.42 18.12
CA LEU B 72 -11.74 -22.57 17.10
C LEU B 72 -12.44 -23.94 17.31
N TRP B 73 -13.77 -23.96 17.28
CA TRP B 73 -14.54 -25.08 17.65
C TRP B 73 -15.65 -25.28 16.61
N ASN B 74 -16.18 -26.50 16.50
CA ASN B 74 -17.42 -26.67 15.80
C ASN B 74 -18.61 -26.67 16.78
N ARG B 75 -19.83 -26.77 16.22
CA ARG B 75 -21.03 -26.78 17.04
C ARG B 75 -21.29 -28.03 17.85
N ASN B 76 -20.56 -29.11 17.55
CA ASN B 76 -20.63 -30.33 18.33
C ASN B 76 -19.66 -30.27 19.49
N GLY B 77 -18.97 -29.13 19.64
CA GLY B 77 -18.07 -28.91 20.74
C GLY B 77 -16.66 -29.37 20.51
N GLN B 78 -16.35 -29.81 19.31
CA GLN B 78 -15.00 -30.32 19.08
C GLN B 78 -14.04 -29.21 18.84
N LEU B 79 -12.87 -29.30 19.47
CA LEU B 79 -11.84 -28.29 19.27
C LEU B 79 -11.15 -28.55 17.94
N LEU B 80 -11.13 -27.54 17.08
CA LEU B 80 -10.50 -27.63 15.77
C LEU B 80 -9.09 -27.13 15.72
N GLN B 81 -8.81 -26.00 16.37
CA GLN B 81 -7.52 -25.35 16.29
C GLN B 81 -7.29 -24.49 17.53
N THR B 82 -6.03 -24.31 17.86
CA THR B 82 -5.63 -23.33 18.89
C THR B 82 -4.65 -22.39 18.23
N LEU B 83 -4.94 -21.10 18.29
CA LEU B 83 -4.10 -20.07 17.70
C LEU B 83 -3.22 -19.45 18.81
N THR B 84 -1.93 -19.72 18.71
CA THR B 84 -0.96 -19.35 19.71
C THR B 84 -0.06 -18.29 19.12
N GLY B 85 0.28 -17.29 19.92
CA GLY B 85 1.21 -16.29 19.48
C GLY B 85 1.07 -14.97 20.22
N HIS B 86 -0.13 -14.64 20.69
CA HIS B 86 -0.28 -13.46 21.53
C HIS B 86 0.52 -13.61 22.83
N SER B 87 1.13 -12.54 23.29
CA SER B 87 1.88 -12.64 24.55
C SER B 87 1.13 -12.08 25.74
N SER B 88 -0.14 -11.72 25.51
CA SER B 88 -1.02 -11.35 26.59
C SER B 88 -2.42 -11.81 26.37
N SER B 89 -3.28 -11.59 27.39
CA SER B 89 -4.72 -11.96 27.28
C SER B 89 -5.36 -11.51 25.98
N VAL B 90 -6.15 -12.38 25.36
CA VAL B 90 -6.86 -12.06 24.13
C VAL B 90 -8.28 -11.71 24.50
N TRP B 91 -8.72 -10.51 24.17
CA TRP B 91 -10.05 -10.12 24.56
C TRP B 91 -11.05 -10.16 23.40
N GLY B 92 -10.55 -10.00 22.18
CA GLY B 92 -11.41 -9.88 21.02
C GLY B 92 -11.03 -10.76 19.87
N VAL B 93 -12.07 -11.28 19.21
CA VAL B 93 -11.84 -12.10 18.07
C VAL B 93 -12.99 -11.85 17.09
N ALA B 94 -12.67 -11.79 15.78
CA ALA B 94 -13.71 -11.60 14.77
C ALA B 94 -13.33 -12.25 13.47
N PHE B 95 -14.32 -12.79 12.79
CA PHE B 95 -14.09 -13.31 11.44
C PHE B 95 -14.29 -12.22 10.41
N SER B 96 -13.60 -12.29 9.30
CA SER B 96 -13.95 -11.47 8.15
C SER B 96 -15.32 -11.86 7.57
N PRO B 97 -15.94 -10.95 6.80
CA PRO B 97 -17.29 -11.21 6.27
C PRO B 97 -17.28 -12.37 5.31
N ASP B 98 -16.15 -12.66 4.68
CA ASP B 98 -16.09 -13.82 3.73
C ASP B 98 -15.62 -15.07 4.44
N GLY B 99 -15.32 -14.95 5.73
CA GLY B 99 -14.92 -16.09 6.57
C GLY B 99 -13.46 -16.56 6.41
N GLN B 100 -12.67 -15.95 5.53
CA GLN B 100 -11.38 -16.47 5.19
C GLN B 100 -10.25 -15.99 6.09
N THR B 101 -10.52 -14.99 6.89
CA THR B 101 -9.53 -14.54 7.83
C THR B 101 -10.17 -14.26 9.16
N ILE B 102 -9.30 -14.22 10.19
CA ILE B 102 -9.71 -14.04 11.58
C ILE B 102 -8.74 -12.99 12.16
N ALA B 103 -9.28 -11.98 12.84
CA ALA B 103 -8.49 -10.99 13.58
C ALA B 103 -8.65 -11.24 15.08
N SER B 104 -7.56 -11.09 15.81
CA SER B 104 -7.58 -11.30 17.20
C SER B 104 -6.85 -10.11 17.83
N ALA B 105 -7.32 -9.72 19.01
CA ALA B 105 -6.80 -8.53 19.71
C ALA B 105 -6.52 -8.82 21.14
N SER B 106 -5.31 -8.50 21.57
CA SER B 106 -4.96 -8.73 22.93
C SER B 106 -4.79 -7.43 23.71
N ASP B 107 -4.80 -7.54 25.02
CA ASP B 107 -4.86 -6.32 25.85
C ASP B 107 -3.50 -5.58 25.92
N ASP B 108 -2.46 -6.13 25.31
CA ASP B 108 -1.21 -5.43 25.05
C ASP B 108 -1.18 -4.65 23.71
N LYS B 109 -2.36 -4.40 23.18
CA LYS B 109 -2.55 -3.67 21.92
C LYS B 109 -1.94 -4.35 20.70
N THR B 110 -1.97 -5.66 20.66
CA THR B 110 -1.49 -6.38 19.49
C THR B 110 -2.72 -6.88 18.77
N VAL B 111 -2.68 -6.82 17.45
CA VAL B 111 -3.70 -7.42 16.62
C VAL B 111 -3.01 -8.36 15.65
N LYS B 112 -3.50 -9.60 15.59
CA LYS B 112 -2.97 -10.59 14.66
C LYS B 112 -4.10 -10.97 13.68
N LEU B 113 -3.66 -11.28 12.46
CA LEU B 113 -4.51 -11.76 11.41
C LEU B 113 -4.11 -13.18 11.03
N TRP B 114 -5.08 -14.08 10.99
CA TRP B 114 -4.87 -15.48 10.74
C TRP B 114 -5.74 -15.90 9.59
N ASN B 115 -5.34 -16.95 8.91
CA ASN B 115 -6.27 -17.54 7.97
C ASN B 115 -7.15 -18.53 8.64
N ARG B 116 -8.07 -19.08 7.86
CA ARG B 116 -9.04 -19.89 8.47
C ARG B 116 -8.52 -21.26 8.91
N ASN B 117 -7.38 -21.69 8.36
CA ASN B 117 -6.69 -22.89 8.79
C ASN B 117 -5.71 -22.67 9.92
N GLY B 118 -5.73 -21.48 10.48
CA GLY B 118 -4.96 -21.15 11.71
C GLY B 118 -3.53 -20.66 11.45
N GLN B 119 -3.19 -20.44 10.17
CA GLN B 119 -1.89 -19.89 9.81
C GLN B 119 -1.85 -18.41 10.22
N LEU B 120 -0.84 -17.99 10.98
CA LEU B 120 -0.65 -16.56 11.22
C LEU B 120 -0.19 -15.91 9.91
N LEU B 121 -0.91 -14.90 9.49
CA LEU B 121 -0.63 -14.16 8.26
C LEU B 121 0.16 -12.89 8.55
N GLN B 122 -0.20 -12.18 9.61
CA GLN B 122 0.47 -10.91 9.90
C GLN B 122 0.15 -10.44 11.31
N THR B 123 1.07 -9.68 11.88
CA THR B 123 0.79 -8.95 13.09
C THR B 123 0.56 -7.52 12.60
N LEU B 124 -0.68 -7.06 12.69
CA LEU B 124 -1.08 -5.76 12.11
C LEU B 124 -0.56 -4.62 12.97
N THR B 125 -0.46 -4.85 14.25
CA THR B 125 0.18 -3.89 15.16
C THR B 125 0.59 -4.57 16.43
N GLY B 126 1.56 -3.98 17.14
CA GLY B 126 2.14 -4.57 18.34
C GLY B 126 3.15 -5.68 18.04
N HIS B 127 3.23 -6.69 18.92
CA HIS B 127 4.20 -7.81 18.85
C HIS B 127 3.53 -9.22 19.00
N TRP C 9 -11.78 -1.84 19.17
CA TRP C 9 -11.18 -2.79 18.20
C TRP C 9 -9.95 -2.26 17.49
N GLY C 10 -10.12 -1.19 16.73
CA GLY C 10 -9.05 -0.70 15.89
C GLY C 10 -8.85 -1.47 14.58
N VAL C 11 -9.79 -2.32 14.21
CA VAL C 11 -9.64 -3.12 12.99
C VAL C 11 -11.00 -3.12 12.33
N ALA C 12 -11.01 -3.10 11.02
CA ALA C 12 -12.29 -3.25 10.31
C ALA C 12 -12.04 -4.02 9.04
N PHE C 13 -12.97 -4.84 8.69
CA PHE C 13 -12.90 -5.56 7.37
C PHE C 13 -13.69 -4.85 6.30
N SER C 14 -13.22 -4.84 5.05
CA SER C 14 -14.04 -4.39 3.95
C SER C 14 -15.23 -5.38 3.78
N PRO C 15 -16.40 -4.90 3.34
CA PRO C 15 -17.53 -5.82 3.21
C PRO C 15 -17.26 -7.08 2.43
N ASP C 16 -16.31 -7.03 1.49
CA ASP C 16 -16.00 -8.21 0.72
C ASP C 16 -14.90 -9.09 1.35
N GLY C 17 -14.38 -8.64 2.47
CA GLY C 17 -13.35 -9.37 3.18
C GLY C 17 -11.95 -9.30 2.55
N GLN C 18 -11.77 -8.56 1.46
CA GLN C 18 -10.48 -8.62 0.76
C GLN C 18 -9.46 -7.60 1.30
N THR C 19 -9.95 -6.58 2.02
CA THR C 19 -9.08 -5.55 2.58
C THR C 19 -9.38 -5.45 4.05
N ILE C 20 -8.33 -5.26 4.86
CA ILE C 20 -8.47 -5.10 6.31
C ILE C 20 -7.78 -3.78 6.68
N ALA C 21 -8.44 -2.97 7.50
CA ALA C 21 -7.89 -1.69 7.93
C ALA C 21 -7.54 -1.81 9.38
N SER C 22 -6.40 -1.24 9.81
CA SER C 22 -6.07 -1.31 11.17
C SER C 22 -5.52 0.03 11.63
N ALA C 23 -5.86 0.42 12.83
CA ALA C 23 -5.19 1.57 13.46
C ALA C 23 -3.79 1.16 13.89
N SER C 24 -2.78 1.91 13.50
CA SER C 24 -1.39 1.58 13.84
C SER C 24 -0.97 2.39 15.05
N ASP C 25 0.21 2.09 15.59
CA ASP C 25 0.75 2.79 16.77
C ASP C 25 1.52 4.07 16.42
N ASP C 26 1.45 4.50 15.16
CA ASP C 26 2.27 5.59 14.65
C ASP C 26 1.47 6.67 13.90
N LYS C 27 0.19 6.86 14.27
CA LYS C 27 -0.68 7.90 13.74
C LYS C 27 -1.20 7.62 12.34
N THR C 28 -1.11 6.37 11.92
CA THR C 28 -1.60 5.99 10.58
C THR C 28 -2.62 4.91 10.68
N VAL C 29 -3.35 4.73 9.60
CA VAL C 29 -4.15 3.54 9.34
C VAL C 29 -3.43 2.76 8.24
N LYS C 30 -3.37 1.44 8.42
CA LYS C 30 -2.78 0.56 7.44
C LYS C 30 -3.84 -0.27 6.83
N LEU C 31 -3.75 -0.43 5.51
CA LEU C 31 -4.64 -1.32 4.76
C LEU C 31 -3.87 -2.54 4.33
N TRP C 32 -4.46 -3.73 4.57
CA TRP C 32 -3.80 -5.00 4.29
C TRP C 32 -4.68 -5.83 3.38
N ASN C 33 -4.06 -6.73 2.66
CA ASN C 33 -4.84 -7.70 1.86
C ASN C 33 -5.06 -8.95 2.71
N ARG C 34 -5.86 -9.88 2.20
CA ARG C 34 -6.12 -11.15 2.92
C ARG C 34 -4.95 -12.03 3.18
N ASN C 35 -3.85 -11.89 2.44
CA ASN C 35 -2.66 -12.63 2.71
C ASN C 35 -1.75 -11.94 3.73
N GLY C 36 -2.21 -10.85 4.32
CA GLY C 36 -1.43 -10.07 5.28
C GLY C 36 -0.34 -9.18 4.68
N GLN C 37 -0.42 -8.92 3.37
CA GLN C 37 0.44 -7.96 2.71
C GLN C 37 -0.07 -6.56 2.98
N LEU C 38 0.86 -5.67 3.30
CA LEU C 38 0.54 -4.28 3.44
C LEU C 38 0.25 -3.67 2.08
N LEU C 39 -0.87 -2.98 1.96
CA LEU C 39 -1.27 -2.35 0.69
C LEU C 39 -1.09 -0.87 0.69
N GLN C 40 -1.41 -0.23 1.83
CA GLN C 40 -1.42 1.21 1.86
C GLN C 40 -1.27 1.67 3.31
N THR C 41 -0.63 2.82 3.47
CA THR C 41 -0.54 3.52 4.74
C THR C 41 -1.25 4.88 4.55
N LEU C 42 -2.22 5.18 5.41
CA LEU C 42 -3.01 6.41 5.35
C LEU C 42 -2.42 7.37 6.38
N THR C 43 -1.77 8.40 5.87
CA THR C 43 -1.04 9.37 6.67
C THR C 43 -1.74 10.71 6.65
N GLY C 44 -1.91 11.31 7.82
CA GLY C 44 -2.51 12.63 7.95
C GLY C 44 -2.89 13.02 9.35
N HIS C 45 -3.23 12.06 10.20
CA HIS C 45 -3.68 12.37 11.53
C HIS C 45 -2.50 12.85 12.34
N SER C 46 -2.76 13.72 13.27
CA SER C 46 -1.64 14.29 14.04
C SER C 46 -1.49 13.71 15.43
N SER C 47 -2.34 12.78 15.83
CA SER C 47 -2.02 11.85 16.91
C SER C 47 -2.65 10.51 16.72
N SER C 48 -2.64 9.68 17.75
CA SER C 48 -3.05 8.28 17.66
C SER C 48 -4.38 8.12 16.96
N VAL C 49 -4.43 7.07 16.17
CA VAL C 49 -5.70 6.66 15.60
C VAL C 49 -6.30 5.55 16.46
N TRP C 50 -7.58 5.66 16.78
CA TRP C 50 -8.26 4.74 17.68
C TRP C 50 -9.24 3.80 16.97
N GLY C 51 -9.98 4.34 16.02
CA GLY C 51 -11.12 3.63 15.43
C GLY C 51 -11.01 3.67 13.92
N VAL C 52 -11.49 2.61 13.24
CA VAL C 52 -11.57 2.59 11.81
C VAL C 52 -12.85 1.90 11.39
N ALA C 53 -13.30 2.23 10.19
CA ALA C 53 -14.52 1.66 9.62
C ALA C 53 -14.45 1.69 8.11
N PHE C 54 -15.13 0.75 7.43
CA PHE C 54 -15.34 0.85 5.99
C PHE C 54 -16.73 1.20 5.65
N SER C 55 -16.91 1.92 4.56
CA SER C 55 -18.27 2.15 4.03
C SER C 55 -18.83 0.81 3.50
N PRO C 56 -20.16 0.67 3.45
CA PRO C 56 -20.79 -0.53 2.92
C PRO C 56 -20.45 -0.84 1.45
N ASP C 57 -20.08 0.17 0.65
CA ASP C 57 -19.67 -0.09 -0.73
C ASP C 57 -18.22 -0.47 -0.85
N GLY C 58 -17.53 -0.39 0.26
CA GLY C 58 -16.17 -0.81 0.37
C GLY C 58 -15.15 0.20 -0.15
N GLN C 59 -15.57 1.39 -0.57
CA GLN C 59 -14.68 2.30 -1.25
C GLN C 59 -14.15 3.44 -0.37
N THR C 60 -14.71 3.63 0.82
CA THR C 60 -14.26 4.68 1.72
C THR C 60 -13.93 4.10 3.06
N ILE C 61 -12.87 4.63 3.67
CA ILE C 61 -12.43 4.22 4.99
C ILE C 61 -12.57 5.45 5.87
N ALA C 62 -13.07 5.27 7.05
CA ALA C 62 -13.11 6.36 8.06
C ALA C 62 -12.12 6.00 9.16
N SER C 63 -11.48 7.03 9.72
CA SER C 63 -10.61 6.84 10.85
C SER C 63 -10.98 7.87 11.91
N ALA C 64 -10.83 7.48 13.17
CA ALA C 64 -11.15 8.31 14.31
C ALA C 64 -9.89 8.50 15.13
N SER C 65 -9.55 9.72 15.51
CA SER C 65 -8.26 10.01 16.12
C SER C 65 -8.34 10.81 17.41
N ASP C 66 -7.30 10.62 18.22
CA ASP C 66 -7.01 11.51 19.34
C ASP C 66 -6.85 12.97 18.91
N ASP C 67 -6.56 13.24 17.66
CA ASP C 67 -6.49 14.62 17.16
C ASP C 67 -7.81 15.34 17.07
N LYS C 68 -8.88 14.68 17.50
CA LYS C 68 -10.24 15.22 17.57
C LYS C 68 -10.96 15.26 16.21
N THR C 69 -10.39 14.59 15.22
CA THR C 69 -10.99 14.50 13.88
C THR C 69 -11.31 13.09 13.46
N VAL C 70 -12.24 13.01 12.51
CA VAL C 70 -12.44 11.82 11.70
C VAL C 70 -11.96 12.15 10.30
N LYS C 71 -11.22 11.26 9.69
CA LYS C 71 -10.80 11.47 8.30
C LYS C 71 -11.43 10.38 7.45
N LEU C 72 -11.78 10.77 6.24
CA LEU C 72 -12.31 9.85 5.22
C LEU C 72 -11.28 9.70 4.10
N TRP C 73 -11.07 8.47 3.66
CA TRP C 73 -10.04 8.12 2.71
C TRP C 73 -10.59 7.16 1.64
N ASN C 74 -9.93 7.10 0.49
CA ASN C 74 -10.17 6.00 -0.46
C ASN C 74 -9.14 4.90 -0.28
N ARG C 75 -9.30 3.82 -1.04
CA ARG C 75 -8.38 2.67 -0.99
C ARG C 75 -7.02 2.88 -1.60
N ASN C 76 -6.89 3.96 -2.38
CA ASN C 76 -5.60 4.38 -2.89
C ASN C 76 -4.89 5.29 -1.92
N GLY C 77 -5.48 5.51 -0.75
CA GLY C 77 -4.85 6.28 0.31
C GLY C 77 -5.11 7.75 0.28
N GLN C 78 -5.95 8.20 -0.66
CA GLN C 78 -6.15 9.64 -0.79
C GLN C 78 -7.10 10.14 0.28
N LEU C 79 -6.77 11.25 0.93
CA LEU C 79 -7.61 11.87 1.92
C LEU C 79 -8.75 12.60 1.22
N LEU C 80 -9.99 12.24 1.53
CA LEU C 80 -11.19 12.84 0.92
C LEU C 80 -11.81 13.97 1.76
N GLN C 81 -11.82 13.82 3.09
CA GLN C 81 -12.43 14.79 3.97
C GLN C 81 -11.84 14.70 5.33
N THR C 82 -11.86 15.81 6.04
CA THR C 82 -11.55 15.82 7.46
C THR C 82 -12.79 16.38 8.18
N LEU C 83 -13.33 15.60 9.11
CA LEU C 83 -14.57 15.99 9.83
C LEU C 83 -14.16 16.59 11.16
N THR C 84 -14.38 17.89 11.28
CA THR C 84 -13.89 18.67 12.43
C THR C 84 -15.08 19.18 13.23
N GLY C 85 -14.97 19.13 14.55
CA GLY C 85 -16.02 19.64 15.40
C GLY C 85 -16.05 19.02 16.77
N HIS C 86 -15.57 17.80 16.91
CA HIS C 86 -15.46 17.19 18.24
C HIS C 86 -14.46 18.00 19.07
N SER C 87 -14.76 18.16 20.33
CA SER C 87 -13.80 18.91 21.16
C SER C 87 -12.92 18.00 22.01
N SER C 88 -13.03 16.68 21.82
CA SER C 88 -12.13 15.72 22.44
C SER C 88 -11.80 14.58 21.51
N SER C 89 -10.92 13.70 21.97
CA SER C 89 -10.53 12.53 21.17
C SER C 89 -11.72 11.75 20.63
N VAL C 90 -11.66 11.40 19.34
CA VAL C 90 -12.69 10.55 18.72
C VAL C 90 -12.26 9.09 18.74
N TRP C 91 -13.06 8.23 19.36
CA TRP C 91 -12.68 6.81 19.51
C TRP C 91 -13.42 5.89 18.55
N GLY C 92 -14.61 6.28 18.14
CA GLY C 92 -15.46 5.43 17.33
C GLY C 92 -16.01 6.10 16.09
N VAL C 93 -16.13 5.33 15.02
CA VAL C 93 -16.74 5.83 13.81
C VAL C 93 -17.48 4.65 13.17
N ALA C 94 -18.63 4.94 12.59
CA ALA C 94 -19.39 3.94 11.85
C ALA C 94 -20.15 4.57 10.74
N PHE C 95 -20.28 3.84 9.65
CA PHE C 95 -21.14 4.27 8.58
C PHE C 95 -22.55 3.73 8.74
N SER C 96 -23.52 4.49 8.30
CA SER C 96 -24.86 3.95 8.17
C SER C 96 -24.89 2.80 7.13
N PRO C 97 -25.91 1.92 7.20
CA PRO C 97 -26.03 0.79 6.26
C PRO C 97 -26.18 1.20 4.82
N ASP C 98 -26.71 2.37 4.55
CA ASP C 98 -26.84 2.85 3.16
C ASP C 98 -25.65 3.69 2.75
N GLY C 99 -24.72 3.92 3.67
CA GLY C 99 -23.46 4.56 3.34
C GLY C 99 -23.49 6.07 3.25
N GLN C 100 -24.63 6.68 3.47
CA GLN C 100 -24.76 8.11 3.23
C GLN C 100 -24.40 8.95 4.46
N THR C 101 -24.46 8.35 5.64
CA THR C 101 -24.19 9.11 6.88
C THR C 101 -23.13 8.37 7.68
N ILE C 102 -22.51 9.10 8.56
CA ILE C 102 -21.44 8.60 9.39
C ILE C 102 -21.70 9.09 10.82
N ALA C 103 -21.58 8.20 11.80
CA ALA C 103 -21.66 8.58 13.23
C ALA C 103 -20.29 8.50 13.83
N SER C 104 -19.96 9.46 14.70
CA SER C 104 -18.69 9.49 15.32
C SER C 104 -18.92 9.72 16.81
N ALA C 105 -18.07 9.10 17.61
CA ALA C 105 -18.20 9.19 19.08
C ALA C 105 -16.89 9.56 19.71
N SER C 106 -16.93 10.60 20.55
CA SER C 106 -15.73 11.05 21.22
C SER C 106 -15.80 10.72 22.70
N ASP C 107 -14.64 10.78 23.37
CA ASP C 107 -14.57 10.26 24.72
C ASP C 107 -15.16 11.26 25.74
N ASP C 108 -15.63 12.42 25.28
CA ASP C 108 -16.46 13.31 26.09
C ASP C 108 -17.99 13.02 25.94
N LYS C 109 -18.32 11.83 25.49
CA LYS C 109 -19.69 11.35 25.31
C LYS C 109 -20.51 12.16 24.31
N THR C 110 -19.86 12.69 23.31
CA THR C 110 -20.57 13.38 22.26
C THR C 110 -20.62 12.44 21.08
N VAL C 111 -21.77 12.43 20.43
CA VAL C 111 -21.96 11.69 19.17
C VAL C 111 -22.44 12.63 18.11
N LYS C 112 -21.75 12.64 17.01
CA LYS C 112 -22.09 13.53 15.89
C LYS C 112 -22.50 12.67 14.67
N LEU C 113 -23.38 13.21 13.89
CA LEU C 113 -23.82 12.61 12.63
C LEU C 113 -23.45 13.52 11.50
N TRP C 114 -22.79 12.94 10.49
CA TRP C 114 -22.32 13.68 9.37
C TRP C 114 -22.84 13.08 8.09
N ASN C 115 -22.92 13.88 7.04
CA ASN C 115 -23.06 13.32 5.75
C ASN C 115 -21.64 13.01 5.27
N ARG C 116 -21.51 12.18 4.25
CA ARG C 116 -20.18 11.93 3.69
C ARG C 116 -19.56 13.06 2.88
N ASN C 117 -20.34 14.08 2.54
CA ASN C 117 -19.83 15.24 1.89
C ASN C 117 -19.22 16.17 2.95
N GLY C 118 -19.21 15.71 4.19
CA GLY C 118 -18.50 16.38 5.34
C GLY C 118 -19.37 17.30 6.12
N GLN C 119 -20.65 17.38 5.77
CA GLN C 119 -21.53 18.28 6.47
C GLN C 119 -21.89 17.67 7.82
N LEU C 120 -21.76 18.45 8.90
CA LEU C 120 -22.29 18.04 10.19
C LEU C 120 -23.83 18.19 10.13
N LEU C 121 -24.52 17.12 10.38
CA LEU C 121 -25.96 17.11 10.34
C LEU C 121 -26.56 17.35 11.72
N GLN C 122 -26.00 16.76 12.72
CA GLN C 122 -26.55 16.87 14.05
C GLN C 122 -25.56 16.39 15.12
N THR C 123 -25.70 16.96 16.31
CA THR C 123 -25.00 16.43 17.45
C THR C 123 -26.10 15.69 18.17
N LEU C 124 -26.01 14.37 18.19
CA LEU C 124 -27.08 13.52 18.72
C LEU C 124 -27.09 13.62 20.23
N THR C 125 -25.91 13.79 20.80
CA THR C 125 -25.83 13.99 22.27
C THR C 125 -24.51 14.64 22.59
N GLY C 126 -24.45 15.32 23.74
CA GLY C 126 -23.26 16.03 24.15
C GLY C 126 -23.15 17.41 23.53
N HIS C 127 -21.90 17.88 23.38
CA HIS C 127 -21.61 19.28 23.09
C HIS C 127 -21.21 19.38 21.61
N TRP D 9 17.83 10.36 -13.00
CA TRP D 9 17.30 11.25 -14.06
C TRP D 9 16.13 12.15 -13.60
N GLY D 10 15.06 11.51 -13.17
CA GLY D 10 13.84 12.22 -12.87
C GLY D 10 13.01 12.65 -14.09
N VAL D 11 13.35 12.17 -15.27
CA VAL D 11 12.62 12.54 -16.46
C VAL D 11 12.42 11.27 -17.25
N ALA D 12 11.28 11.17 -17.91
CA ALA D 12 11.04 10.05 -18.82
C ALA D 12 10.26 10.59 -19.98
N PHE D 13 10.60 10.11 -21.15
CA PHE D 13 9.79 10.36 -22.36
C PHE D 13 8.79 9.22 -22.60
N SER D 14 7.57 9.55 -22.97
CA SER D 14 6.62 8.52 -23.42
C SER D 14 7.23 7.85 -24.67
N PRO D 15 6.93 6.56 -24.89
CA PRO D 15 7.52 5.90 -26.08
C PRO D 15 7.33 6.61 -27.41
N ASP D 16 6.22 7.35 -27.57
CA ASP D 16 6.02 8.05 -28.83
C ASP D 16 6.62 9.46 -28.85
N GLY D 17 7.21 9.88 -27.74
CA GLY D 17 7.92 11.14 -27.66
C GLY D 17 7.02 12.35 -27.47
N GLN D 18 5.70 12.14 -27.39
CA GLN D 18 4.77 13.26 -27.33
C GLN D 18 4.50 13.78 -25.92
N THR D 19 4.74 12.96 -24.90
CA THR D 19 4.58 13.37 -23.51
C THR D 19 5.93 13.19 -22.79
N ILE D 20 6.23 14.10 -21.86
CA ILE D 20 7.42 14.01 -21.06
C ILE D 20 6.97 14.10 -19.61
N ALA D 21 7.49 13.22 -18.75
CA ALA D 21 7.14 13.20 -17.34
C ALA D 21 8.36 13.67 -16.59
N SER D 22 8.19 14.54 -15.59
CA SER D 22 9.34 14.97 -14.81
C SER D 22 9.00 15.03 -13.34
N ALA D 23 9.95 14.60 -12.52
CA ALA D 23 9.79 14.67 -11.05
C ALA D 23 10.02 16.14 -10.75
N SER D 24 9.06 16.75 -10.04
CA SER D 24 9.16 18.16 -9.71
C SER D 24 9.77 18.28 -8.33
N ASP D 25 10.05 19.52 -7.92
CA ASP D 25 10.66 19.82 -6.60
C ASP D 25 9.58 19.96 -5.49
N ASP D 26 8.32 19.65 -5.79
CA ASP D 26 7.20 19.90 -4.92
C ASP D 26 6.32 18.67 -4.68
N LYS D 27 6.90 17.47 -4.74
CA LYS D 27 6.21 16.22 -4.45
C LYS D 27 5.21 15.78 -5.55
N THR D 28 5.35 16.35 -6.74
CA THR D 28 4.49 15.96 -7.86
C THR D 28 5.32 15.48 -9.03
N VAL D 29 4.62 14.87 -9.97
CA VAL D 29 5.14 14.60 -11.30
C VAL D 29 4.35 15.49 -12.24
N LYS D 30 5.06 16.14 -13.15
CA LYS D 30 4.45 16.95 -14.15
C LYS D 30 4.55 16.29 -15.49
N LEU D 31 3.48 16.36 -16.25
CA LEU D 31 3.45 15.86 -17.61
C LEU D 31 3.42 17.04 -18.57
N TRP D 32 4.30 17.03 -19.56
CA TRP D 32 4.45 18.09 -20.51
C TRP D 32 4.30 17.55 -21.93
N ASN D 33 3.91 18.41 -22.88
CA ASN D 33 3.92 18.03 -24.26
C ASN D 33 5.30 18.30 -24.86
N ARG D 34 5.50 17.93 -26.13
CA ARG D 34 6.74 18.12 -26.85
C ARG D 34 7.17 19.58 -26.97
N ASN D 35 6.24 20.52 -26.88
CA ASN D 35 6.57 21.92 -26.98
C ASN D 35 6.89 22.54 -25.62
N GLY D 36 6.96 21.72 -24.59
CA GLY D 36 7.23 22.20 -23.22
C GLY D 36 6.04 22.82 -22.51
N GLN D 37 4.84 22.56 -23.01
CA GLN D 37 3.61 23.08 -22.34
C GLN D 37 3.11 22.06 -21.34
N LEU D 38 2.76 22.54 -20.16
CA LEU D 38 2.36 21.68 -19.06
C LEU D 38 0.98 21.13 -19.38
N LEU D 39 0.84 19.83 -19.23
CA LEU D 39 -0.44 19.16 -19.45
C LEU D 39 -1.14 18.79 -18.16
N GLN D 40 -0.39 18.29 -17.20
CA GLN D 40 -0.97 17.62 -16.08
C GLN D 40 -0.01 17.58 -14.92
N THR D 41 -0.55 17.60 -13.72
CA THR D 41 0.27 17.46 -12.50
C THR D 41 -0.28 16.22 -11.76
N LEU D 42 0.61 15.33 -11.34
CA LEU D 42 0.25 14.12 -10.60
C LEU D 42 0.53 14.32 -9.11
N THR D 43 -0.54 14.46 -8.35
CA THR D 43 -0.47 14.83 -6.92
C THR D 43 -0.90 13.69 -6.05
N GLY D 44 -0.10 13.40 -5.04
CA GLY D 44 -0.43 12.33 -4.08
C GLY D 44 0.72 11.88 -3.21
N HIS D 45 1.95 11.98 -3.69
CA HIS D 45 3.10 11.53 -2.90
C HIS D 45 3.25 12.49 -1.73
N SER D 46 3.76 11.98 -0.64
CA SER D 46 3.91 12.82 0.53
C SER D 46 5.34 13.31 0.80
N SER D 47 6.32 12.94 -0.01
CA SER D 47 7.56 13.67 -0.11
C SER D 47 8.13 13.59 -1.52
N SER D 48 9.40 13.99 -1.67
CA SER D 48 10.04 14.15 -2.95
C SER D 48 9.84 12.96 -3.87
N VAL D 49 9.62 13.29 -5.12
CA VAL D 49 9.57 12.25 -6.15
C VAL D 49 10.91 12.17 -6.85
N TRP D 50 11.46 10.97 -6.96
CA TRP D 50 12.81 10.75 -7.45
C TRP D 50 12.86 10.16 -8.84
N GLY D 51 11.99 9.21 -9.12
CA GLY D 51 12.05 8.46 -10.38
C GLY D 51 10.70 8.44 -11.06
N VAL D 52 10.72 8.34 -12.39
CA VAL D 52 9.46 8.24 -13.16
C VAL D 52 9.69 7.31 -14.34
N ALA D 53 8.60 6.72 -14.83
CA ALA D 53 8.68 5.82 -15.98
C ALA D 53 7.36 5.75 -16.67
N PHE D 54 7.37 5.50 -17.97
CA PHE D 54 6.17 5.16 -18.71
C PHE D 54 6.06 3.68 -19.05
N SER D 55 4.84 3.15 -19.07
CA SER D 55 4.60 1.84 -19.61
C SER D 55 4.93 1.82 -21.10
N PRO D 56 5.21 0.64 -21.67
CA PRO D 56 5.56 0.56 -23.09
C PRO D 56 4.44 1.03 -24.02
N ASP D 57 3.17 0.90 -23.59
CA ASP D 57 2.07 1.37 -24.41
C ASP D 57 1.80 2.88 -24.22
N GLY D 58 2.52 3.47 -23.31
CA GLY D 58 2.48 4.88 -23.04
C GLY D 58 1.29 5.35 -22.19
N GLN D 59 0.45 4.44 -21.69
CA GLN D 59 -0.79 4.81 -21.02
C GLN D 59 -0.74 4.88 -19.48
N THR D 60 0.34 4.35 -18.90
CA THR D 60 0.51 4.38 -17.46
C THR D 60 1.84 4.97 -17.14
N ILE D 61 1.85 5.78 -16.09
CA ILE D 61 3.06 6.40 -15.58
C ILE D 61 3.33 5.87 -14.19
N ALA D 62 4.59 5.60 -13.84
CA ALA D 62 4.95 5.17 -12.50
C ALA D 62 5.87 6.25 -11.91
N SER D 63 5.72 6.49 -10.61
CA SER D 63 6.56 7.46 -9.89
C SER D 63 7.08 6.81 -8.62
N ALA D 64 8.32 7.12 -8.27
CA ALA D 64 9.03 6.52 -7.16
C ALA D 64 9.41 7.65 -6.25
N SER D 65 9.12 7.50 -4.95
CA SER D 65 9.24 8.61 -4.00
C SER D 65 9.97 8.30 -2.74
N ASP D 66 10.53 9.36 -2.14
CA ASP D 66 11.04 9.33 -0.79
C ASP D 66 10.00 8.86 0.22
N ASP D 67 8.72 8.93 -0.11
CA ASP D 67 7.68 8.43 0.80
C ASP D 67 7.61 6.91 0.93
N LYS D 68 8.48 6.20 0.22
CA LYS D 68 8.67 4.75 0.30
C LYS D 68 7.65 4.02 -0.59
N THR D 69 6.95 4.75 -1.44
CA THR D 69 5.98 4.18 -2.36
C THR D 69 6.27 4.42 -3.82
N VAL D 70 5.69 3.58 -4.66
CA VAL D 70 5.56 3.83 -6.08
C VAL D 70 4.10 4.08 -6.31
N LYS D 71 3.75 5.06 -7.15
CA LYS D 71 2.38 5.26 -7.57
C LYS D 71 2.25 5.07 -9.09
N LEU D 72 1.11 4.54 -9.47
CA LEU D 72 0.75 4.31 -10.86
C LEU D 72 -0.41 5.21 -11.24
N TRP D 73 -0.27 5.88 -12.37
CA TRP D 73 -1.20 6.95 -12.78
C TRP D 73 -1.59 6.76 -14.24
N ASN D 74 -2.71 7.33 -14.65
CA ASN D 74 -2.96 7.52 -16.09
C ASN D 74 -2.57 8.92 -16.55
N ARG D 75 -2.69 9.15 -17.86
CA ARG D 75 -2.33 10.47 -18.47
C ARG D 75 -3.26 11.61 -18.15
N ASN D 76 -4.42 11.31 -17.59
CA ASN D 76 -5.35 12.32 -17.12
C ASN D 76 -5.06 12.70 -15.70
N GLY D 77 -4.01 12.10 -15.15
CA GLY D 77 -3.60 12.40 -13.81
C GLY D 77 -4.21 11.56 -12.71
N GLN D 78 -5.02 10.59 -13.06
CA GLN D 78 -5.74 9.85 -12.02
C GLN D 78 -4.83 8.81 -11.41
N LEU D 79 -4.86 8.70 -10.10
CA LEU D 79 -4.07 7.69 -9.39
C LEU D 79 -4.75 6.35 -9.52
N LEU D 80 -4.02 5.37 -10.01
CA LEU D 80 -4.55 4.02 -10.20
C LEU D 80 -4.19 3.06 -9.09
N GLN D 81 -2.97 3.14 -8.57
CA GLN D 81 -2.48 2.19 -7.54
C GLN D 81 -1.37 2.82 -6.75
N THR D 82 -1.23 2.37 -5.52
CA THR D 82 -0.04 2.70 -4.74
C THR D 82 0.64 1.42 -4.38
N LEU D 83 1.94 1.31 -4.67
CA LEU D 83 2.71 0.10 -4.34
C LEU D 83 3.53 0.31 -3.07
N THR D 84 3.12 -0.37 -2.00
CA THR D 84 3.62 -0.14 -0.64
C THR D 84 4.36 -1.38 -0.15
N GLY D 85 5.49 -1.19 0.50
CA GLY D 85 6.25 -2.31 1.03
C GLY D 85 7.74 -2.04 1.18
N HIS D 86 8.31 -1.13 0.36
CA HIS D 86 9.71 -0.74 0.56
C HIS D 86 9.83 -0.10 1.95
N SER D 87 10.93 -0.37 2.63
CA SER D 87 11.13 0.29 3.93
C SER D 87 12.04 1.50 3.89
N SER D 88 12.42 1.90 2.70
CA SER D 88 13.15 3.14 2.49
C SER D 88 12.77 3.83 1.20
N SER D 89 13.34 5.00 0.99
CA SER D 89 13.09 5.79 -0.19
C SER D 89 13.25 5.01 -1.53
N VAL D 90 12.27 5.14 -2.42
CA VAL D 90 12.30 4.47 -3.70
C VAL D 90 12.84 5.42 -4.77
N TRP D 91 13.95 5.06 -5.41
CA TRP D 91 14.59 5.96 -6.36
C TRP D 91 14.33 5.59 -7.81
N GLY D 92 14.09 4.34 -8.05
CA GLY D 92 13.97 3.84 -9.40
C GLY D 92 12.73 2.98 -9.63
N VAL D 93 12.19 3.13 -10.83
CA VAL D 93 11.03 2.31 -11.22
C VAL D 93 11.13 2.05 -12.71
N ALA D 94 10.74 0.85 -13.11
CA ALA D 94 10.70 0.53 -14.51
C ALA D 94 9.61 -0.46 -14.80
N PHE D 95 9.04 -0.36 -15.98
CA PHE D 95 8.15 -1.42 -16.46
C PHE D 95 8.89 -2.50 -17.22
N SER D 96 8.38 -3.71 -17.13
CA SER D 96 8.79 -4.78 -18.02
C SER D 96 8.47 -4.41 -19.45
N PRO D 97 9.17 -5.02 -20.42
CA PRO D 97 8.96 -4.74 -21.84
C PRO D 97 7.54 -5.02 -22.32
N ASP D 98 6.84 -5.93 -21.69
CA ASP D 98 5.49 -6.28 -22.06
C ASP D 98 4.45 -5.50 -21.25
N GLY D 99 4.93 -4.71 -20.29
CA GLY D 99 4.08 -3.83 -19.55
C GLY D 99 3.29 -4.40 -18.38
N GLN D 100 3.45 -5.67 -18.08
CA GLN D 100 2.64 -6.25 -16.98
C GLN D 100 3.23 -6.27 -15.62
N THR D 101 4.55 -6.04 -15.54
CA THR D 101 5.19 -6.08 -14.23
C THR D 101 6.00 -4.81 -14.12
N ILE D 102 6.24 -4.46 -12.87
CA ILE D 102 7.00 -3.27 -12.56
C ILE D 102 8.05 -3.67 -11.55
N ALA D 103 9.27 -3.17 -11.77
CA ALA D 103 10.35 -3.33 -10.82
C ALA D 103 10.64 -2.01 -10.16
N SER D 104 10.85 -2.05 -8.84
CA SER D 104 11.17 -0.86 -8.07
C SER D 104 12.41 -1.06 -7.23
N ALA D 105 13.18 0.02 -7.03
CA ALA D 105 14.45 -0.06 -6.37
C ALA D 105 14.56 1.01 -5.33
N SER D 106 14.89 0.61 -4.12
CA SER D 106 14.98 1.57 -3.05
C SER D 106 16.43 1.73 -2.61
N ASP D 107 16.69 2.79 -1.85
CA ASP D 107 18.07 3.17 -1.61
C ASP D 107 18.69 2.30 -0.51
N ASP D 108 17.91 1.40 0.08
CA ASP D 108 18.43 0.30 0.92
C ASP D 108 18.75 -1.01 0.14
N LYS D 109 18.94 -0.87 -1.15
CA LYS D 109 19.32 -1.96 -2.06
C LYS D 109 18.27 -3.09 -2.15
N THR D 110 17.01 -2.75 -2.01
CA THR D 110 15.94 -3.73 -2.20
C THR D 110 15.32 -3.48 -3.54
N VAL D 111 15.03 -4.56 -4.28
CA VAL D 111 14.30 -4.50 -5.54
C VAL D 111 13.08 -5.40 -5.42
N LYS D 112 11.95 -4.83 -5.72
CA LYS D 112 10.66 -5.53 -5.66
C LYS D 112 10.06 -5.59 -7.05
N LEU D 113 9.33 -6.65 -7.28
CA LEU D 113 8.57 -6.87 -8.51
C LEU D 113 7.09 -6.94 -8.19
N TRP D 114 6.31 -6.17 -8.92
CA TRP D 114 4.89 -6.05 -8.70
C TRP D 114 4.13 -6.27 -9.99
N ASN D 115 2.89 -6.71 -9.88
CA ASN D 115 2.09 -6.76 -11.05
C ASN D 115 1.40 -5.43 -11.19
N ARG D 116 0.76 -5.28 -12.31
CA ARG D 116 0.19 -4.00 -12.65
C ARG D 116 -1.08 -3.74 -11.82
N ASN D 117 -1.65 -4.75 -11.15
CA ASN D 117 -2.77 -4.55 -10.23
C ASN D 117 -2.35 -4.24 -8.83
N GLY D 118 -1.07 -4.07 -8.60
CA GLY D 118 -0.53 -3.66 -7.32
C GLY D 118 -0.12 -4.76 -6.38
N GLN D 119 -0.19 -6.01 -6.83
CA GLN D 119 0.28 -7.07 -5.95
C GLN D 119 1.78 -7.20 -6.01
N LEU D 120 2.37 -7.35 -4.84
CA LEU D 120 3.77 -7.72 -4.76
C LEU D 120 3.97 -9.18 -5.16
N LEU D 121 4.86 -9.39 -6.12
CA LEU D 121 5.13 -10.71 -6.64
C LEU D 121 6.36 -11.30 -5.98
N GLN D 122 7.37 -10.48 -5.78
CA GLN D 122 8.63 -11.00 -5.24
C GLN D 122 9.53 -9.87 -4.78
N THR D 123 10.35 -10.14 -3.78
CA THR D 123 11.44 -9.25 -3.44
C THR D 123 12.70 -9.91 -4.03
N LEU D 124 13.27 -9.30 -5.04
CA LEU D 124 14.32 -9.95 -5.87
C LEU D 124 15.61 -9.88 -5.11
N THR D 125 15.76 -8.83 -4.30
CA THR D 125 16.91 -8.76 -3.38
C THR D 125 16.61 -7.80 -2.28
N GLY D 126 17.29 -7.97 -1.15
CA GLY D 126 17.08 -7.13 0.04
C GLY D 126 15.87 -7.59 0.87
N HIS D 127 15.19 -6.62 1.51
CA HIS D 127 14.01 -6.87 2.39
C HIS D 127 12.77 -5.92 2.08
N TRP E 9 21.06 0.05 -10.73
CA TRP E 9 19.83 -0.81 -10.72
C TRP E 9 20.02 -2.21 -10.16
N GLY E 10 20.89 -2.99 -10.78
CA GLY E 10 21.07 -4.37 -10.35
C GLY E 10 19.98 -5.30 -10.83
N VAL E 11 19.14 -4.84 -11.74
CA VAL E 11 18.07 -5.68 -12.29
C VAL E 11 18.01 -5.44 -13.76
N ALA E 12 17.68 -6.47 -14.54
CA ALA E 12 17.47 -6.28 -15.95
C ALA E 12 16.35 -7.22 -16.37
N PHE E 13 15.49 -6.74 -17.23
CA PHE E 13 14.49 -7.61 -17.91
C PHE E 13 15.03 -8.13 -19.22
N SER E 14 14.75 -9.39 -19.52
CA SER E 14 15.06 -9.89 -20.84
C SER E 14 14.17 -9.16 -21.88
N PRO E 15 14.66 -8.95 -23.08
CA PRO E 15 13.87 -8.22 -24.07
C PRO E 15 12.46 -8.79 -24.30
N ASP E 16 12.30 -10.09 -24.14
CA ASP E 16 10.97 -10.71 -24.34
C ASP E 16 10.14 -10.80 -23.07
N GLY E 17 10.65 -10.36 -21.94
CA GLY E 17 9.86 -10.46 -20.68
C GLY E 17 9.71 -11.86 -20.08
N GLN E 18 10.43 -12.87 -20.60
CA GLN E 18 10.37 -14.26 -20.04
C GLN E 18 11.31 -14.45 -18.86
N THR E 19 12.32 -13.58 -18.74
CA THR E 19 13.24 -13.70 -17.66
C THR E 19 13.63 -12.32 -17.04
N ILE E 20 13.93 -12.32 -15.74
CA ILE E 20 14.43 -11.14 -15.07
C ILE E 20 15.74 -11.60 -14.44
N ALA E 21 16.77 -10.77 -14.50
CA ALA E 21 18.03 -11.07 -13.84
C ALA E 21 18.28 -10.06 -12.74
N SER E 22 18.80 -10.51 -11.63
CA SER E 22 19.05 -9.57 -10.50
C SER E 22 20.35 -9.89 -9.84
N ALA E 23 21.07 -8.85 -9.42
CA ALA E 23 22.27 -9.02 -8.62
C ALA E 23 21.80 -9.32 -7.20
N SER E 24 22.29 -10.39 -6.61
CA SER E 24 21.91 -10.78 -5.26
C SER E 24 22.94 -10.25 -4.28
N ASP E 25 22.66 -10.39 -2.98
CA ASP E 25 23.57 -9.91 -1.92
C ASP E 25 24.63 -10.97 -1.56
N ASP E 26 24.71 -12.06 -2.32
CA ASP E 26 25.53 -13.20 -1.97
C ASP E 26 26.48 -13.64 -3.12
N LYS E 27 26.89 -12.68 -3.95
CA LYS E 27 27.88 -12.93 -5.01
C LYS E 27 27.33 -13.68 -6.21
N THR E 28 26.03 -13.69 -6.33
CA THR E 28 25.40 -14.42 -7.46
C THR E 28 24.49 -13.48 -8.22
N VAL E 29 24.10 -13.95 -9.44
CA VAL E 29 22.98 -13.39 -10.15
C VAL E 29 21.87 -14.42 -10.17
N LYS E 30 20.66 -13.95 -9.95
CA LYS E 30 19.49 -14.83 -9.90
C LYS E 30 18.69 -14.54 -11.12
N LEU E 31 18.18 -15.60 -11.73
CA LEU E 31 17.24 -15.47 -12.86
C LEU E 31 15.88 -15.87 -12.37
N TRP E 32 14.88 -15.08 -12.71
CA TRP E 32 13.53 -15.28 -12.28
C TRP E 32 12.62 -15.33 -13.50
N ASN E 33 11.48 -15.98 -13.41
CA ASN E 33 10.51 -15.85 -14.51
C ASN E 33 9.73 -14.57 -14.33
N ARG E 34 8.84 -14.26 -15.27
CA ARG E 34 8.05 -13.02 -15.26
C ARG E 34 7.23 -12.82 -14.00
N ASN E 35 6.86 -13.91 -13.37
CA ASN E 35 6.07 -13.87 -12.17
C ASN E 35 6.91 -13.77 -10.88
N GLY E 36 8.21 -13.63 -11.02
CA GLY E 36 9.12 -13.54 -9.87
C GLY E 36 9.44 -14.87 -9.20
N GLN E 37 9.21 -15.98 -9.91
CA GLN E 37 9.59 -17.30 -9.39
C GLN E 37 11.05 -17.59 -9.78
N LEU E 38 11.82 -18.07 -8.85
CA LEU E 38 13.27 -18.24 -9.08
C LEU E 38 13.51 -19.39 -10.06
N LEU E 39 14.36 -19.15 -11.03
CA LEU E 39 14.74 -20.22 -12.02
C LEU E 39 16.17 -20.72 -11.89
N GLN E 40 17.12 -19.83 -11.61
CA GLN E 40 18.51 -20.18 -11.70
C GLN E 40 19.30 -19.24 -10.81
N THR E 41 20.42 -19.75 -10.29
CA THR E 41 21.37 -18.93 -9.55
C THR E 41 22.77 -19.10 -10.21
N LEU E 42 23.38 -18.01 -10.62
CA LEU E 42 24.63 -17.97 -11.41
C LEU E 42 25.78 -17.75 -10.43
N THR E 43 26.56 -18.79 -10.19
CA THR E 43 27.63 -18.82 -9.19
C THR E 43 29.00 -18.84 -9.84
N GLY E 44 29.92 -17.99 -9.35
CA GLY E 44 31.24 -17.90 -9.89
C GLY E 44 32.00 -16.66 -9.45
N HIS E 45 31.32 -15.52 -9.33
CA HIS E 45 32.02 -14.32 -8.95
C HIS E 45 32.55 -14.47 -7.52
N SER E 46 33.66 -13.83 -7.26
CA SER E 46 34.23 -13.96 -5.89
C SER E 46 33.96 -12.79 -4.96
N SER E 47 33.26 -11.77 -5.41
CA SER E 47 32.64 -10.84 -4.51
C SER E 47 31.39 -10.27 -5.14
N SER E 48 30.84 -9.23 -4.51
CA SER E 48 29.51 -8.72 -4.83
C SER E 48 29.32 -8.50 -6.29
N VAL E 49 28.11 -8.83 -6.73
CA VAL E 49 27.71 -8.49 -8.06
C VAL E 49 26.93 -7.19 -8.03
N TRP E 50 27.29 -6.26 -8.89
CA TRP E 50 26.67 -4.92 -8.93
C TRP E 50 25.71 -4.69 -10.08
N GLY E 51 26.07 -5.18 -11.25
CA GLY E 51 25.38 -4.83 -12.49
C GLY E 51 25.03 -6.06 -13.26
N VAL E 52 23.91 -6.02 -13.97
CA VAL E 52 23.52 -7.11 -14.87
C VAL E 52 22.94 -6.55 -16.15
N ALA E 53 22.96 -7.37 -17.22
CA ALA E 53 22.36 -6.98 -18.45
C ALA E 53 22.02 -8.24 -19.25
N PHE E 54 21.01 -8.14 -20.09
CA PHE E 54 20.78 -9.21 -21.10
C PHE E 54 21.31 -8.79 -22.46
N SER E 55 21.73 -9.76 -23.28
CA SER E 55 21.98 -9.48 -24.68
C SER E 55 20.62 -9.19 -25.37
N PRO E 56 20.62 -8.48 -26.51
CA PRO E 56 19.40 -8.14 -27.16
C PRO E 56 18.59 -9.35 -27.61
N ASP E 57 19.22 -10.50 -27.81
CA ASP E 57 18.43 -11.73 -28.19
C ASP E 57 17.90 -12.49 -26.94
N GLY E 58 18.33 -12.00 -25.76
CA GLY E 58 17.85 -12.50 -24.49
C GLY E 58 18.52 -13.76 -23.99
N GLN E 59 19.52 -14.26 -24.69
CA GLN E 59 20.10 -15.62 -24.38
C GLN E 59 21.38 -15.63 -23.59
N THR E 60 21.97 -14.45 -23.45
CA THR E 60 23.18 -14.28 -22.70
C THR E 60 22.94 -13.23 -21.64
N ILE E 61 23.53 -13.48 -20.46
CA ILE E 61 23.46 -12.57 -19.36
C ILE E 61 24.85 -12.14 -19.04
N ALA E 62 25.06 -10.84 -18.81
CA ALA E 62 26.32 -10.32 -18.38
C ALA E 62 26.19 -9.82 -16.92
N SER E 63 27.24 -10.01 -16.15
CA SER E 63 27.26 -9.59 -14.76
C SER E 63 28.57 -8.87 -14.48
N ALA E 64 28.47 -7.84 -13.67
CA ALA E 64 29.60 -6.96 -13.36
C ALA E 64 29.82 -7.05 -11.89
N SER E 65 31.08 -7.26 -11.47
CA SER E 65 31.33 -7.56 -10.09
C SER E 65 32.46 -6.75 -9.44
N ASP E 66 32.36 -6.63 -8.14
CA ASP E 66 33.46 -6.12 -7.28
C ASP E 66 34.74 -6.93 -7.43
N ASP E 67 34.66 -8.15 -7.96
CA ASP E 67 35.85 -8.94 -8.22
C ASP E 67 36.65 -8.48 -9.43
N LYS E 68 36.24 -7.40 -10.05
CA LYS E 68 36.94 -6.76 -11.17
C LYS E 68 36.74 -7.46 -12.51
N THR E 69 35.77 -8.34 -12.58
CA THR E 69 35.44 -9.03 -13.85
C THR E 69 33.99 -8.80 -14.26
N VAL E 70 33.75 -9.08 -15.55
CA VAL E 70 32.42 -9.29 -16.08
C VAL E 70 32.36 -10.75 -16.46
N LYS E 71 31.25 -11.39 -16.18
CA LYS E 71 31.02 -12.78 -16.62
C LYS E 71 29.80 -12.82 -17.54
N LEU E 72 29.93 -13.68 -18.54
CA LEU E 72 28.83 -13.96 -19.51
C LEU E 72 28.33 -15.37 -19.28
N TRP E 73 27.00 -15.52 -19.25
CA TRP E 73 26.37 -16.73 -18.83
C TRP E 73 25.23 -17.05 -19.84
N ASN E 74 24.89 -18.32 -19.90
CA ASN E 74 23.60 -18.67 -20.52
C ASN E 74 22.51 -18.87 -19.49
N ARG E 75 21.29 -19.10 -19.97
CA ARG E 75 20.11 -19.22 -19.10
C ARG E 75 20.09 -20.46 -18.22
N ASN E 76 20.96 -21.45 -18.53
CA ASN E 76 21.06 -22.66 -17.76
C ASN E 76 22.10 -22.47 -16.69
N GLY E 77 22.63 -21.26 -16.60
CA GLY E 77 23.51 -20.95 -15.58
C GLY E 77 24.94 -21.30 -15.92
N GLN E 78 25.22 -21.71 -17.11
CA GLN E 78 26.63 -22.06 -17.46
C GLN E 78 27.43 -20.82 -17.76
N LEU E 79 28.67 -20.77 -17.23
CA LEU E 79 29.55 -19.65 -17.49
C LEU E 79 30.10 -19.79 -18.90
N LEU E 80 29.96 -18.76 -19.72
CA LEU E 80 30.51 -18.76 -21.10
C LEU E 80 31.87 -18.07 -21.25
N GLN E 81 32.06 -16.95 -20.57
CA GLN E 81 33.30 -16.18 -20.65
C GLN E 81 33.50 -15.40 -19.36
N THR E 82 34.79 -15.12 -19.04
CA THR E 82 35.11 -14.18 -17.97
C THR E 82 35.94 -13.10 -18.58
N LEU E 83 35.48 -11.85 -18.48
CA LEU E 83 36.14 -10.75 -19.12
C LEU E 83 37.03 -10.06 -18.07
N THR E 84 38.33 -10.21 -18.23
CA THR E 84 39.32 -9.73 -17.26
C THR E 84 40.10 -8.59 -17.79
N GLY E 85 40.40 -7.60 -16.94
CA GLY E 85 41.27 -6.51 -17.35
C GLY E 85 41.02 -5.22 -16.58
N HIS E 86 39.80 -5.01 -16.10
CA HIS E 86 39.57 -3.88 -15.17
C HIS E 86 40.44 -4.01 -13.93
N SER E 87 40.94 -2.89 -13.44
CA SER E 87 41.75 -2.94 -12.22
C SER E 87 41.00 -2.49 -10.96
N SER E 88 39.71 -2.20 -11.10
CA SER E 88 38.85 -1.96 -9.95
C SER E 88 37.48 -2.55 -10.18
N SER E 89 36.65 -2.47 -9.15
CA SER E 89 35.27 -2.99 -9.24
C SER E 89 34.52 -2.53 -10.47
N VAL E 90 33.83 -3.48 -11.13
CA VAL E 90 33.06 -3.19 -12.30
C VAL E 90 31.60 -3.02 -11.88
N TRP E 91 31.03 -1.85 -12.14
CA TRP E 91 29.68 -1.59 -11.69
C TRP E 91 28.64 -1.71 -12.83
N GLY E 92 29.05 -1.45 -14.07
CA GLY E 92 28.13 -1.38 -15.16
C GLY E 92 28.53 -2.21 -16.34
N VAL E 93 27.51 -2.76 -16.97
CA VAL E 93 27.78 -3.54 -18.17
C VAL E 93 26.59 -3.34 -19.07
N ALA E 94 26.86 -3.24 -20.37
CA ALA E 94 25.76 -3.15 -21.35
C ALA E 94 26.19 -3.73 -22.66
N PHE E 95 25.22 -4.37 -23.32
CA PHE E 95 25.43 -4.77 -24.69
C PHE E 95 25.11 -3.67 -25.66
N SER E 96 25.79 -3.64 -26.80
CA SER E 96 25.37 -2.79 -27.88
C SER E 96 24.01 -3.26 -28.42
N PRO E 97 23.27 -2.37 -29.05
CA PRO E 97 21.92 -2.72 -29.59
C PRO E 97 21.97 -3.84 -30.62
N ASP E 98 23.09 -4.02 -31.29
CA ASP E 98 23.18 -5.16 -32.31
C ASP E 98 23.78 -6.41 -31.67
N GLY E 99 24.16 -6.32 -30.41
CA GLY E 99 24.66 -7.46 -29.64
C GLY E 99 26.11 -7.82 -29.88
N GLN E 100 26.84 -7.11 -30.74
CA GLN E 100 28.17 -7.55 -31.14
C GLN E 100 29.30 -7.01 -30.27
N THR E 101 28.97 -6.04 -29.44
CA THR E 101 29.97 -5.55 -28.48
C THR E 101 29.37 -5.35 -27.12
N ILE E 102 30.23 -5.28 -26.11
CA ILE E 102 29.85 -5.16 -24.72
C ILE E 102 30.73 -4.03 -24.14
N ALA E 103 30.13 -3.14 -23.43
CA ALA E 103 30.88 -2.05 -22.71
C ALA E 103 30.77 -2.33 -21.26
N SER E 104 31.85 -2.06 -20.55
CA SER E 104 31.89 -2.30 -19.11
C SER E 104 32.56 -1.05 -18.48
N ALA E 105 32.08 -0.72 -17.31
CA ALA E 105 32.55 0.47 -16.59
C ALA E 105 32.91 0.12 -15.18
N SER E 106 34.09 0.55 -14.76
CA SER E 106 34.55 0.32 -13.41
C SER E 106 34.61 1.62 -12.64
N ASP E 107 34.71 1.52 -11.31
CA ASP E 107 34.51 2.65 -10.46
C ASP E 107 35.77 3.52 -10.42
N ASP E 108 36.83 3.09 -11.09
CA ASP E 108 38.01 3.95 -11.34
C ASP E 108 37.91 4.79 -12.65
N LYS E 109 36.68 4.90 -13.15
CA LYS E 109 36.39 5.63 -14.37
C LYS E 109 36.99 5.02 -15.68
N THR E 110 37.16 3.72 -15.72
CA THR E 110 37.66 3.09 -16.93
C THR E 110 36.49 2.47 -17.59
N VAL E 111 36.47 2.57 -18.92
CA VAL E 111 35.45 1.91 -19.72
C VAL E 111 36.20 1.02 -20.72
N LYS E 112 35.79 -0.24 -20.82
CA LYS E 112 36.33 -1.14 -21.80
C LYS E 112 35.26 -1.65 -22.76
N LEU E 113 35.72 -1.97 -23.96
CA LEU E 113 34.81 -2.51 -25.04
C LEU E 113 35.35 -3.87 -25.35
N TRP E 114 34.41 -4.83 -25.43
CA TRP E 114 34.76 -6.22 -25.71
C TRP E 114 33.85 -6.73 -26.83
N ASN E 115 34.34 -7.72 -27.52
CA ASN E 115 33.45 -8.42 -28.47
C ASN E 115 32.65 -9.49 -27.79
N ARG E 116 31.82 -10.19 -28.57
CA ARG E 116 30.91 -11.14 -27.95
C ARG E 116 31.56 -12.31 -27.43
N ASN E 117 32.74 -12.62 -27.95
CA ASN E 117 33.48 -13.73 -27.44
C ASN E 117 34.33 -13.36 -26.19
N GLY E 118 34.15 -12.17 -25.70
CA GLY E 118 34.78 -11.75 -24.44
C GLY E 118 36.21 -11.32 -24.65
N GLN E 119 36.61 -11.02 -25.89
CA GLN E 119 37.94 -10.44 -26.14
C GLN E 119 37.95 -8.93 -26.07
N LEU E 120 39.00 -8.40 -25.45
CA LEU E 120 39.07 -6.98 -25.30
C LEU E 120 39.39 -6.31 -26.66
N LEU E 121 38.59 -5.36 -27.02
CA LEU E 121 38.78 -4.56 -28.24
C LEU E 121 39.52 -3.24 -27.92
N GLN E 122 39.14 -2.57 -26.88
CA GLN E 122 39.72 -1.23 -26.61
C GLN E 122 39.38 -0.80 -25.21
N THR E 123 40.23 0.07 -24.67
CA THR E 123 39.94 0.80 -23.44
C THR E 123 39.59 2.19 -23.89
N LEU E 124 38.34 2.56 -23.70
CA LEU E 124 37.83 3.80 -24.29
C LEU E 124 38.27 4.96 -23.46
N THR E 125 38.39 4.71 -22.18
CA THR E 125 38.97 5.75 -21.27
C THR E 125 39.47 5.08 -20.02
N GLY E 126 40.41 5.76 -19.33
CA GLY E 126 41.05 5.19 -18.16
C GLY E 126 42.15 4.18 -18.50
N HIS E 127 42.36 3.17 -17.63
CA HIS E 127 43.41 2.12 -17.78
C HIS E 127 42.87 0.69 -17.61
N TRP F 9 27.14 6.77 -16.61
CA TRP F 9 27.76 5.87 -17.62
C TRP F 9 28.91 6.50 -18.39
N GLY F 10 28.63 7.59 -19.11
CA GLY F 10 29.62 8.22 -19.95
C GLY F 10 29.86 7.52 -21.27
N VAL F 11 28.96 6.62 -21.62
CA VAL F 11 29.12 5.89 -22.89
C VAL F 11 27.74 5.83 -23.49
N ALA F 12 27.69 5.83 -24.82
CA ALA F 12 26.43 5.59 -25.51
C ALA F 12 26.72 4.89 -26.81
N PHE F 13 25.83 4.00 -27.15
CA PHE F 13 25.94 3.34 -28.48
C PHE F 13 25.03 4.07 -29.48
N SER F 14 25.43 4.18 -30.73
CA SER F 14 24.51 4.57 -31.78
C SER F 14 23.37 3.50 -31.87
N PRO F 15 22.17 3.88 -32.32
CA PRO F 15 21.07 2.91 -32.43
C PRO F 15 21.41 1.66 -33.21
N ASP F 16 22.28 1.80 -34.19
CA ASP F 16 22.64 0.65 -34.98
C ASP F 16 23.85 -0.17 -34.43
N GLY F 17 24.44 0.29 -33.35
CA GLY F 17 25.52 -0.39 -32.69
C GLY F 17 26.87 -0.23 -33.34
N GLN F 18 26.97 0.58 -34.38
CA GLN F 18 28.21 0.59 -35.17
C GLN F 18 29.17 1.68 -34.66
N THR F 19 28.66 2.65 -33.91
CA THR F 19 29.49 3.69 -33.34
C THR F 19 29.26 3.69 -31.86
N ILE F 20 30.33 3.99 -31.09
CA ILE F 20 30.22 4.11 -29.67
C ILE F 20 30.85 5.46 -29.26
N ALA F 21 30.14 6.22 -28.43
CA ALA F 21 30.58 7.52 -27.99
C ALA F 21 31.00 7.38 -26.54
N SER F 22 32.15 7.94 -26.16
CA SER F 22 32.53 7.87 -24.78
C SER F 22 33.07 9.24 -24.27
N ALA F 23 32.72 9.58 -23.06
CA ALA F 23 33.30 10.77 -22.40
C ALA F 23 34.72 10.39 -22.08
N SER F 24 35.66 11.23 -22.49
CA SER F 24 37.07 11.02 -22.18
C SER F 24 37.48 11.81 -20.94
N ASP F 25 38.71 11.59 -20.47
CA ASP F 25 39.27 12.29 -19.28
C ASP F 25 39.92 13.64 -19.60
N ASP F 26 39.76 14.09 -20.84
CA ASP F 26 40.43 15.25 -21.37
C ASP F 26 39.50 16.27 -22.01
N LYS F 27 38.24 16.35 -21.54
CA LYS F 27 37.28 17.37 -21.99
C LYS F 27 36.72 17.11 -23.39
N THR F 28 36.93 15.92 -23.88
CA THR F 28 36.40 15.54 -25.20
C THR F 28 35.45 14.35 -25.11
N VAL F 29 34.70 14.12 -26.21
CA VAL F 29 33.99 12.91 -26.46
C VAL F 29 34.74 12.23 -27.61
N LYS F 30 34.92 10.92 -27.49
CA LYS F 30 35.52 10.14 -28.57
C LYS F 30 34.47 9.21 -29.19
N LEU F 31 34.52 9.11 -30.50
CA LEU F 31 33.67 8.21 -31.25
C LEU F 31 34.52 7.07 -31.81
N TRP F 32 34.06 5.83 -31.61
CA TRP F 32 34.80 4.62 -31.89
C TRP F 32 33.94 3.73 -32.76
N ASN F 33 34.58 2.90 -33.58
CA ASN F 33 33.80 1.90 -34.32
C ASN F 33 33.70 0.61 -33.49
N ARG F 34 32.99 -0.39 -33.99
CA ARG F 34 32.85 -1.69 -33.27
C ARG F 34 34.10 -2.47 -33.12
N ASN F 35 35.15 -2.21 -33.90
CA ASN F 35 36.42 -2.85 -33.72
C ASN F 35 37.31 -2.11 -32.72
N GLY F 36 36.77 -1.12 -32.03
CA GLY F 36 37.51 -0.30 -31.06
C GLY F 36 38.54 0.67 -31.67
N GLN F 37 38.38 0.99 -32.96
CA GLN F 37 39.20 1.98 -33.61
C GLN F 37 38.60 3.37 -33.46
N LEU F 38 39.45 4.33 -33.13
CA LEU F 38 38.97 5.68 -32.91
C LEU F 38 38.58 6.32 -34.25
N LEU F 39 37.44 7.00 -34.28
CA LEU F 39 36.98 7.65 -35.50
C LEU F 39 37.04 9.15 -35.45
N GLN F 40 36.72 9.71 -34.31
CA GLN F 40 36.59 11.14 -34.21
C GLN F 40 36.67 11.56 -32.77
N THR F 41 37.16 12.77 -32.58
CA THR F 41 37.26 13.38 -31.25
C THR F 41 36.42 14.66 -31.33
N LEU F 42 35.53 14.85 -30.37
CA LEU F 42 34.67 16.03 -30.34
C LEU F 42 35.19 17.05 -29.29
N THR F 43 35.73 18.15 -29.79
CA THR F 43 36.48 19.13 -28.98
C THR F 43 35.72 20.42 -28.91
N GLY F 44 35.57 20.95 -27.70
CA GLY F 44 34.92 22.23 -27.52
C GLY F 44 34.48 22.54 -26.11
N HIS F 45 34.22 21.51 -25.30
CA HIS F 45 33.88 21.75 -23.90
C HIS F 45 35.08 22.28 -23.16
N SER F 46 34.83 23.14 -22.18
CA SER F 46 35.95 23.70 -21.45
C SER F 46 36.23 23.05 -20.09
N SER F 47 35.46 22.03 -19.70
CA SER F 47 35.87 21.11 -18.64
C SER F 47 35.27 19.72 -18.88
N SER F 48 35.35 18.85 -17.85
CA SER F 48 35.04 17.47 -17.95
C SER F 48 33.68 17.25 -18.60
N VAL F 49 33.67 16.23 -19.45
CA VAL F 49 32.44 15.77 -19.99
C VAL F 49 31.93 14.59 -19.15
N TRP F 50 30.64 14.64 -18.79
CA TRP F 50 30.02 13.68 -17.88
C TRP F 50 29.09 12.71 -18.58
N GLY F 51 28.28 13.21 -19.48
CA GLY F 51 27.17 12.43 -20.09
C GLY F 51 27.23 12.54 -21.59
N VAL F 52 26.81 11.46 -22.29
CA VAL F 52 26.74 11.50 -23.72
C VAL F 52 25.51 10.75 -24.15
N ALA F 53 25.01 11.08 -25.33
CA ALA F 53 23.84 10.43 -25.90
C ALA F 53 23.86 10.50 -27.41
N PHE F 54 23.27 9.52 -28.10
CA PHE F 54 23.02 9.62 -29.55
C PHE F 54 21.58 9.87 -29.85
N SER F 55 21.33 10.63 -30.92
CA SER F 55 19.98 10.80 -31.39
C SER F 55 19.49 9.48 -31.93
N PRO F 56 18.21 9.28 -31.94
CA PRO F 56 17.66 8.05 -32.53
C PRO F 56 17.96 7.80 -34.00
N ASP F 57 18.20 8.85 -34.78
CA ASP F 57 18.56 8.64 -36.19
C ASP F 57 20.05 8.35 -36.36
N GLY F 58 20.77 8.41 -35.25
CA GLY F 58 22.13 8.06 -35.21
C GLY F 58 23.07 9.15 -35.76
N GLN F 59 22.56 10.34 -36.11
CA GLN F 59 23.42 11.35 -36.74
C GLN F 59 23.95 12.45 -35.82
N THR F 60 23.41 12.53 -34.63
CA THR F 60 23.75 13.67 -33.70
C THR F 60 24.14 13.06 -32.39
N ILE F 61 25.21 13.61 -31.80
CA ILE F 61 25.66 13.21 -30.51
C ILE F 61 25.47 14.43 -29.59
N ALA F 62 25.00 14.22 -28.38
CA ALA F 62 24.91 15.24 -27.35
C ALA F 62 25.89 14.92 -26.21
N SER F 63 26.48 15.98 -25.63
CA SER F 63 27.46 15.84 -24.59
C SER F 63 27.10 16.81 -23.49
N ALA F 64 27.24 16.35 -22.26
CA ALA F 64 26.85 17.15 -21.08
C ALA F 64 28.12 17.36 -20.28
N SER F 65 28.38 18.59 -19.88
CA SER F 65 29.67 18.92 -19.28
C SER F 65 29.58 19.69 -17.98
N ASP F 66 30.64 19.52 -17.19
CA ASP F 66 30.95 20.41 -16.07
C ASP F 66 31.03 21.90 -16.43
N ASP F 67 31.24 22.25 -17.68
CA ASP F 67 31.22 23.65 -18.11
C ASP F 67 29.83 24.29 -18.20
N LYS F 68 28.80 23.56 -17.78
CA LYS F 68 27.42 24.03 -17.65
C LYS F 68 26.67 24.06 -18.99
N THR F 69 27.26 23.44 -20.00
CA THR F 69 26.58 23.33 -21.30
C THR F 69 26.33 21.91 -21.75
N VAL F 70 25.39 21.80 -22.68
CA VAL F 70 25.28 20.66 -23.55
C VAL F 70 25.73 21.08 -24.94
N LYS F 71 26.49 20.24 -25.63
CA LYS F 71 26.83 20.48 -27.03
C LYS F 71 26.25 19.39 -27.88
N LEU F 72 25.86 19.80 -29.07
CA LEU F 72 25.36 18.87 -30.10
C LEU F 72 26.32 18.83 -31.27
N TRP F 73 26.62 17.63 -31.73
CA TRP F 73 27.65 17.40 -32.73
C TRP F 73 27.13 16.53 -33.83
N ASN F 74 27.75 16.59 -34.99
CA ASN F 74 27.59 15.49 -35.97
C ASN F 74 28.70 14.47 -35.88
N ARG F 75 28.55 13.38 -36.62
CA ARG F 75 29.57 12.29 -36.61
C ARG F 75 30.90 12.65 -37.22
N ASN F 76 30.96 13.75 -37.98
CA ASN F 76 32.23 14.25 -38.56
C ASN F 76 32.93 15.16 -37.59
N GLY F 77 32.33 15.32 -36.42
CA GLY F 77 32.91 16.09 -35.37
C GLY F 77 32.57 17.58 -35.39
N GLN F 78 31.66 18.02 -36.28
CA GLN F 78 31.23 19.46 -36.43
C GLN F 78 30.34 19.79 -35.21
N LEU F 79 30.66 20.88 -34.49
CA LEU F 79 29.81 21.34 -33.43
C LEU F 79 28.60 22.04 -34.04
N LEU F 80 27.40 21.55 -33.73
CA LEU F 80 26.18 22.09 -34.31
C LEU F 80 25.51 23.15 -33.43
N GLN F 81 25.52 22.95 -32.12
CA GLN F 81 24.84 23.85 -31.20
C GLN F 81 25.48 23.76 -29.86
N THR F 82 25.39 24.86 -29.12
CA THR F 82 25.72 24.83 -27.69
C THR F 82 24.48 25.29 -26.90
N LEU F 83 24.03 24.46 -25.98
CA LEU F 83 22.80 24.72 -25.24
C LEU F 83 23.22 25.30 -23.89
N THR F 84 22.97 26.57 -23.74
CA THR F 84 23.42 27.36 -22.60
C THR F 84 22.23 27.73 -21.78
N GLY F 85 22.40 27.73 -20.46
CA GLY F 85 21.35 28.18 -19.59
C GLY F 85 21.38 27.51 -18.24
N HIS F 86 21.90 26.30 -18.15
CA HIS F 86 22.08 25.65 -16.86
C HIS F 86 23.06 26.49 -16.02
N SER F 87 22.81 26.62 -14.74
CA SER F 87 23.75 27.39 -13.91
C SER F 87 24.71 26.51 -13.09
N SER F 88 24.69 25.20 -13.31
CA SER F 88 25.66 24.29 -12.73
C SER F 88 26.02 23.18 -13.71
N SER F 89 26.98 22.34 -13.31
CA SER F 89 27.38 21.19 -14.12
C SER F 89 26.26 20.37 -14.65
N VAL F 90 26.32 20.02 -15.95
CA VAL F 90 25.30 19.19 -16.57
C VAL F 90 25.80 17.77 -16.55
N TRP F 91 25.06 16.86 -15.93
CA TRP F 91 25.52 15.46 -15.84
C TRP F 91 24.80 14.52 -16.81
N GLY F 92 23.59 14.87 -17.19
CA GLY F 92 22.78 14.00 -18.03
C GLY F 92 22.15 14.67 -19.23
N VAL F 93 22.08 13.91 -20.32
CA VAL F 93 21.45 14.39 -21.49
C VAL F 93 20.81 13.20 -22.23
N ALA F 94 19.61 13.42 -22.75
CA ALA F 94 18.89 12.35 -23.55
C ALA F 94 18.05 12.93 -24.61
N PHE F 95 17.97 12.21 -25.73
CA PHE F 95 17.03 12.58 -26.77
C PHE F 95 15.71 11.89 -26.58
N SER F 96 14.63 12.55 -26.98
CA SER F 96 13.34 11.93 -27.02
C SER F 96 13.38 10.80 -28.08
N PRO F 97 12.49 9.85 -27.97
CA PRO F 97 12.48 8.69 -28.91
C PRO F 97 12.25 9.11 -30.35
N ASP F 98 11.58 10.24 -30.59
CA ASP F 98 11.33 10.70 -31.97
C ASP F 98 12.40 11.64 -32.44
N GLY F 99 13.34 11.93 -31.55
CA GLY F 99 14.47 12.79 -31.88
C GLY F 99 14.19 14.31 -31.92
N GLN F 100 12.96 14.75 -31.64
CA GLN F 100 12.60 16.15 -31.80
C GLN F 100 12.85 16.99 -30.55
N THR F 101 13.07 16.37 -29.43
CA THR F 101 13.45 17.14 -28.21
C THR F 101 14.59 16.50 -27.45
N ILE F 102 15.23 17.28 -26.60
CA ILE F 102 16.39 16.89 -25.79
C ILE F 102 16.12 17.33 -24.36
N ALA F 103 16.40 16.46 -23.41
CA ALA F 103 16.33 16.81 -22.00
C ALA F 103 17.71 16.82 -21.43
N SER F 104 17.97 17.78 -20.54
CA SER F 104 19.25 17.89 -19.87
C SER F 104 19.06 18.11 -18.40
N ALA F 105 19.98 17.56 -17.60
CA ALA F 105 19.86 17.61 -16.14
C ALA F 105 21.16 18.06 -15.53
N SER F 106 21.09 19.05 -14.65
CA SER F 106 22.27 19.54 -13.96
C SER F 106 22.23 19.21 -12.49
N ASP F 107 23.39 19.28 -11.86
CA ASP F 107 23.54 18.70 -10.53
C ASP F 107 22.90 19.60 -9.46
N ASP F 108 22.36 20.75 -9.88
CA ASP F 108 21.51 21.58 -9.01
C ASP F 108 20.03 21.23 -9.11
N LYS F 109 19.74 20.06 -9.66
CA LYS F 109 18.38 19.53 -9.84
C LYS F 109 17.50 20.35 -10.81
N THR F 110 18.11 20.90 -11.84
CA THR F 110 17.37 21.61 -12.86
C THR F 110 17.34 20.71 -14.08
N VAL F 111 16.18 20.66 -14.70
CA VAL F 111 15.99 19.90 -15.93
C VAL F 111 15.45 20.86 -16.95
N LYS F 112 16.08 20.89 -18.12
CA LYS F 112 15.63 21.71 -19.23
C LYS F 112 15.28 20.82 -20.45
N LEU F 113 14.31 21.29 -21.20
CA LEU F 113 13.85 20.67 -22.41
C LEU F 113 14.15 21.62 -23.58
N TRP F 114 14.76 21.10 -24.63
CA TRP F 114 15.19 21.87 -25.76
C TRP F 114 14.64 21.20 -27.01
N ASN F 115 14.50 21.96 -28.06
CA ASN F 115 14.26 21.33 -29.35
C ASN F 115 15.53 20.84 -29.97
N ARG F 116 15.38 20.16 -31.10
CA ARG F 116 16.52 19.49 -31.65
C ARG F 116 17.57 20.43 -32.19
N ASN F 117 17.16 21.67 -32.48
CA ASN F 117 18.10 22.70 -32.93
C ASN F 117 18.69 23.50 -31.81
N GLY F 118 18.43 23.09 -30.58
CA GLY F 118 19.07 23.66 -29.42
C GLY F 118 18.32 24.84 -28.80
N GLN F 119 17.09 25.10 -29.27
CA GLN F 119 16.26 26.16 -28.68
C GLN F 119 15.67 25.70 -27.35
N LEU F 120 15.75 26.50 -26.29
CA LEU F 120 15.13 26.15 -25.04
C LEU F 120 13.61 26.23 -25.13
N LEU F 121 12.95 25.15 -24.72
CA LEU F 121 11.49 25.05 -24.74
C LEU F 121 10.92 25.29 -23.33
N GLN F 122 11.54 24.74 -22.32
CA GLN F 122 10.98 24.83 -20.97
C GLN F 122 12.01 24.40 -19.93
N THR F 123 11.88 24.97 -18.73
CA THR F 123 12.60 24.46 -17.57
C THR F 123 11.58 23.67 -16.80
N LEU F 124 11.78 22.35 -16.78
CA LEU F 124 10.77 21.44 -16.25
C LEU F 124 10.78 21.51 -14.71
N THR F 125 11.96 21.74 -14.15
CA THR F 125 12.09 21.93 -12.71
C THR F 125 13.39 22.64 -12.43
N GLY F 126 13.45 23.31 -11.28
CA GLY F 126 14.58 24.13 -10.91
C GLY F 126 14.60 25.50 -11.60
N HIS F 127 15.80 26.01 -11.90
CA HIS F 127 16.00 27.35 -12.53
C HIS F 127 16.99 27.33 -13.72
#